data_8X9T
#
_entry.id   8X9T
#
_cell.length_a   1.00
_cell.length_b   1.00
_cell.length_c   1.00
_cell.angle_alpha   90.00
_cell.angle_beta   90.00
_cell.angle_gamma   90.00
#
_symmetry.space_group_name_H-M   'P 1'
#
loop_
_entity.id
_entity.type
_entity.pdbx_description
1 polymer 'Gs protein alpha subunit'
2 polymer 'Guanine nucleotide-binding protein G(I)/G(S)/G(T) subunit beta-1'
3 polymer 'Guanine nucleotide-binding protein G(I)/G(S)/G(O) subunit gamma-2'
4 polymer 'Adhesion G-protein coupled receptor D1'
5 polymer scFv16
6 non-polymer 'methyl 3-[2-(2,4-dimethylphenoxy)ethanoylamino]-4-(4-ethylpiperazin-1-yl)benzoate'
#
loop_
_entity_poly.entity_id
_entity_poly.type
_entity_poly.pdbx_seq_one_letter_code
_entity_poly.pdbx_strand_id
1 'polypeptide(L)'
;MGCTLSAEDKAAVERSKMIEKQLQKDKQVYRATHRLLLLGADNSGKSTIVKQMRIYHVNGYSEEECKQYKAVVYSNTIQS
IIAIIRAMGRLKIDFGDSARADDARQLFVLAGAAEEGFMTAELAGVIKRLWKDSGVQACFNRSREYQLNDSAAYYLNDLD
RIAQPNYIPTQQDVLRTRVKTSGIFETKFQVDKVNFHMFDVGAQRDERRKWIQCFNDVTAIIFVVDSSDYNRLQEALNDF
KSIWNNRWLRTISVILFLNKQDLLAEKVLAGKSKIEDYFPEFARYTTPEDATPEPGEDPRVTRAKYFIRDEFLRISTASG
DGRHYCYPHFTCSVDTENARRIFNDCRDIIQRMHLRQYELL
;
A
2 'polypeptide(L)'
;GSLLQSELDQLRQEAEQLKNQIRDARKACADATLSQITNNIDPVGRIQMRTRRTLRGHLAKIYAMHWGTDSRLLVSASQD
GKLIIWDSYTTNKVHAIPLRSSWVMTCAYAPSGNYVACGGLDNICSIYNLKTREGNVRVSRELAGHTGYLSCCRFLDDNQ
IVTSSGDTTCALWDIETGQQTTTFTGHTGDVMSLSLAPDTRLFVSGACDASAKLWDVREGMCRQTFTGHESDINAICFFP
NGNAFATGSDDATCRLFDLRADQELMTYSHDNIICGITSVSFSKSGRLLLAGYDDFNCNVWDALKADRAGVLAGHDNRVS
CLGVTDDGMAVATGSWDSFLKIWN
;
B
3 'polypeptide(L)' MASNNTASIAQARKLVEQLKMEANIDRIKVSKAAADLMAYCEAHAKEDPLLTPVPASENPFREKKFFCAIL G
4 'polypeptide(L)'
;HPIITNLTEERKTFQSPGVILSYLQNVSLSLPSKSLSEQTALNLTKTFLKAVGEILLLPGWIALSEDSAVVLSLIDTIDT
VMGHVSSNLHGSTPQVTVEGSSAMAEFSVAKILPKTVNSSHYRFPAHGQSFIQIPHEAFHRHAWSTVVGLLYHSMHYYLN
NIWPAHTKIAEAMHHQDCLLFATSHLISLEVSPPPTLSQNLSGSPLITVHLKHRLTRKQHSEATNSSNRVFVYCAFLDFS
SGEGVWSNHGCALTRGNLTYSVCRCTHLTNFAILMQVVPLELARGHQVALSSISYVGCSLSVLCLVATLVTFAVLSSVST
IRNQRYHIHANLSFAVLVAQVLLLISFRLEPGTTPCQVMAVLLHYFFLSAFAWMLVEGLHLYSMVIKVFGSEDSKHRYYY
GMGWGFPLLICIISLSFAMDSYGTSNNCWLSLASGAIWAFVAPALFVIVVNIGILIAVTRVISQISADNYKIHGDPSAFK
LTAKAVAVLLPILGTSWVFGVLAVNGCAVVFQYMFATLNSLQGLFIFLFHCLLNSEVRAAFKHKTKVWSLTSSSARTSNA
KPFHSDLMNGTRPGMASTKLSPWDKSSHSAHRVDLSAV
;
R
5 'polypeptide(L)'
;MVQLVESGGGLVQPGGSRKLSCSASGFAFSSFGMHWVRQAPEKGLEWVAYISSGSGTIYYADTVKGRFTISRDDPKNTLF
LQMTSLRSEDTAMYYCVRSIYYYGSSPFDFWGQGTTLTVSAGGGGSGGGGSGGGGSSDIVMTQATSSVPVTPGESVSISC
RSSKSLLHSNGNTYLYWFLQRPGQSPQLLIYRMSNLASGVPDRFSGSGSGTAFTLTISRLEAEDVGVYYCMQHLEYPLTF
GAGTKLELLEENLYFQGASHHHHHHHH
;
S
#
loop_
_chem_comp.id
_chem_comp.type
_chem_comp.name
_chem_comp.formula
YNH non-polymer 'methyl 3-[2-(2,4-dimethylphenoxy)ethanoylamino]-4-(4-ethylpiperazin-1-yl)benzoate' 'C24 H31 N3 O4'
#
# COMPACT_ATOMS: atom_id res chain seq x y z
N LEU A 5 23.78 -12.60 6.27
CA LEU A 5 23.60 -11.60 5.23
C LEU A 5 24.93 -11.23 4.59
N SER A 6 25.00 -11.33 3.27
CA SER A 6 26.21 -10.98 2.54
C SER A 6 26.30 -9.47 2.36
N ALA A 7 27.37 -9.03 1.69
CA ALA A 7 27.56 -7.60 1.46
C ALA A 7 26.48 -7.05 0.56
N GLU A 8 26.20 -7.72 -0.55
CA GLU A 8 25.15 -7.25 -1.45
C GLU A 8 23.77 -7.38 -0.82
N ASP A 9 23.55 -8.40 0.01
CA ASP A 9 22.29 -8.50 0.74
C ASP A 9 22.12 -7.33 1.70
N LYS A 10 23.19 -6.96 2.40
CA LYS A 10 23.13 -5.81 3.31
C LYS A 10 22.87 -4.52 2.55
N ALA A 11 23.51 -4.36 1.40
CA ALA A 11 23.27 -3.16 0.59
C ALA A 11 21.85 -3.14 0.04
N ALA A 12 21.28 -4.30 -0.29
CA ALA A 12 19.89 -4.37 -0.70
C ALA A 12 18.96 -3.97 0.44
N VAL A 13 19.27 -4.42 1.66
CA VAL A 13 18.50 -3.99 2.82
C VAL A 13 18.61 -2.48 3.00
N GLU A 14 19.79 -1.91 2.74
CA GLU A 14 19.94 -0.46 2.81
C GLU A 14 19.09 0.25 1.76
N ARG A 15 19.05 -0.28 0.53
CA ARG A 15 18.20 0.29 -0.50
C ARG A 15 16.73 0.22 -0.08
N SER A 16 16.33 -0.90 0.51
CA SER A 16 14.97 -1.05 1.00
C SER A 16 14.66 -0.03 2.09
N LYS A 17 15.62 0.21 2.98
CA LYS A 17 15.42 1.17 4.05
C LYS A 17 15.32 2.59 3.51
N MET A 18 16.12 2.93 2.49
CA MET A 18 16.00 4.23 1.87
C MET A 18 14.65 4.38 1.17
N ILE A 19 14.19 3.32 0.50
CA ILE A 19 12.86 3.34 -0.10
C ILE A 19 11.80 3.54 0.96
N GLU A 20 11.97 2.91 2.13
CA GLU A 20 11.03 3.10 3.23
C GLU A 20 11.04 4.53 3.73
N LYS A 21 12.21 5.15 3.81
CA LYS A 21 12.29 6.55 4.22
C LYS A 21 11.57 7.44 3.22
N GLN A 22 11.76 7.20 1.93
CA GLN A 22 11.05 7.96 0.91
C GLN A 22 9.55 7.74 1.00
N LEU A 23 9.14 6.49 1.29
CA LEU A 23 7.72 6.19 1.45
C LEU A 23 7.13 6.90 2.66
N GLN A 24 7.89 7.01 3.74
CA GLN A 24 7.43 7.77 4.91
C GLN A 24 7.30 9.24 4.57
N LYS A 25 8.26 9.79 3.83
CA LYS A 25 8.15 11.18 3.40
C LYS A 25 6.93 11.40 2.52
N ASP A 26 6.63 10.44 1.65
CA ASP A 26 5.45 10.53 0.79
C ASP A 26 4.16 10.36 1.59
N LYS A 27 4.20 9.55 2.65
CA LYS A 27 3.03 9.39 3.51
C LYS A 27 2.75 10.67 4.27
N GLN A 28 3.80 11.38 4.68
CA GLN A 28 3.61 12.66 5.35
C GLN A 28 2.83 13.64 4.48
N VAL A 29 2.87 13.47 3.16
CA VAL A 29 2.12 14.33 2.25
C VAL A 29 0.76 13.74 1.91
N TYR A 30 0.71 12.43 1.68
CA TYR A 30 -0.55 11.78 1.31
C TYR A 30 -1.58 11.89 2.42
N ARG A 31 -1.16 11.66 3.66
CA ARG A 31 -2.09 11.76 4.79
C ARG A 31 -2.47 13.21 5.09
N ALA A 32 -1.68 14.17 4.63
CA ALA A 32 -1.97 15.58 4.82
C ALA A 32 -2.72 16.20 3.65
N THR A 33 -3.05 15.41 2.63
CA THR A 33 -3.81 15.87 1.48
C THR A 33 -5.18 15.20 1.49
N HIS A 34 -6.22 15.99 1.28
CA HIS A 34 -7.59 15.51 1.35
C HIS A 34 -8.12 15.30 -0.07
N ARG A 35 -8.56 14.08 -0.37
CA ARG A 35 -9.02 13.72 -1.70
C ARG A 35 -10.52 13.90 -1.80
N LEU A 36 -10.97 14.45 -2.92
CA LEU A 36 -12.37 14.69 -3.20
C LEU A 36 -12.73 14.16 -4.57
N LEU A 37 -13.96 13.66 -4.70
CA LEU A 37 -14.49 13.20 -5.97
C LEU A 37 -15.44 14.26 -6.52
N LEU A 38 -15.10 14.86 -7.66
CA LEU A 38 -15.97 15.84 -8.30
C LEU A 38 -16.92 15.09 -9.22
N LEU A 39 -18.18 14.94 -8.80
CA LEU A 39 -19.19 14.24 -9.56
C LEU A 39 -20.27 15.20 -10.03
N GLY A 40 -20.90 14.86 -11.14
CA GLY A 40 -21.96 15.69 -11.69
C GLY A 40 -22.31 15.23 -13.10
N ALA A 41 -23.04 16.09 -13.80
CA ALA A 41 -23.49 15.83 -15.16
C ALA A 41 -22.75 16.73 -16.14
N ASP A 42 -22.99 16.48 -17.43
CA ASP A 42 -22.36 17.29 -18.46
C ASP A 42 -22.86 18.74 -18.40
N ASN A 43 -24.16 18.92 -18.25
CA ASN A 43 -24.74 20.26 -18.10
C ASN A 43 -24.95 20.60 -16.63
N SER A 44 -23.85 20.58 -15.88
CA SER A 44 -23.87 20.86 -14.46
C SER A 44 -23.02 22.06 -14.08
N GLY A 45 -21.78 22.13 -14.57
CA GLY A 45 -20.91 23.24 -14.25
C GLY A 45 -19.61 22.79 -13.60
N LYS A 46 -19.27 21.52 -13.79
CA LYS A 46 -18.02 21.00 -13.22
C LYS A 46 -16.81 21.68 -13.84
N SER A 47 -16.84 21.90 -15.16
CA SER A 47 -15.70 22.53 -15.82
C SER A 47 -15.48 23.96 -15.32
N THR A 48 -16.58 24.70 -15.10
CA THR A 48 -16.45 26.04 -14.56
C THR A 48 -15.82 26.02 -13.17
N ILE A 49 -16.21 25.05 -12.34
CA ILE A 49 -15.64 24.97 -10.99
C ILE A 49 -14.16 24.61 -11.04
N VAL A 50 -13.79 23.62 -11.86
CA VAL A 50 -12.37 23.26 -11.94
C VAL A 50 -11.56 24.39 -12.53
N LYS A 51 -12.16 25.22 -13.38
CA LYS A 51 -11.47 26.41 -13.87
C LYS A 51 -11.31 27.44 -12.77
N GLN A 52 -12.13 27.38 -11.73
CA GLN A 52 -12.11 28.38 -10.66
C GLN A 52 -11.08 27.97 -9.61
N MET A 53 -11.06 28.72 -8.49
CA MET A 53 -10.11 28.61 -7.39
C MET A 53 -8.68 28.35 -7.89
N ARG A 54 -8.34 28.93 -9.03
CA ARG A 54 -7.01 28.77 -9.60
C ARG A 54 -6.49 30.09 -10.13
N SER A 182 -8.91 10.26 -22.57
CA SER A 182 -8.56 11.37 -21.69
C SER A 182 -8.20 10.86 -20.30
N GLY A 183 -9.21 10.33 -19.59
CA GLY A 183 -8.97 9.78 -18.28
C GLY A 183 -9.48 10.64 -17.15
N ILE A 184 -8.79 10.60 -16.02
CA ILE A 184 -9.15 11.38 -14.83
C ILE A 184 -8.34 12.67 -14.83
N PHE A 185 -8.91 13.70 -14.22
CA PHE A 185 -8.26 15.00 -14.10
C PHE A 185 -8.09 15.33 -12.63
N GLU A 186 -6.88 15.74 -12.25
CA GLU A 186 -6.55 16.07 -10.88
C GLU A 186 -6.28 17.57 -10.75
N THR A 187 -6.97 18.21 -9.82
CA THR A 187 -6.78 19.62 -9.53
C THR A 187 -6.35 19.77 -8.07
N LYS A 188 -5.21 20.39 -7.84
CA LYS A 188 -4.66 20.58 -6.50
C LYS A 188 -4.89 22.03 -6.11
N PHE A 189 -5.91 22.28 -5.30
CA PHE A 189 -6.21 23.61 -4.79
C PHE A 189 -5.99 23.61 -3.28
N GLN A 190 -5.21 24.59 -2.82
CA GLN A 190 -4.88 24.73 -1.41
C GLN A 190 -5.42 26.05 -0.90
N VAL A 191 -6.21 25.98 0.18
CA VAL A 191 -6.73 27.17 0.84
C VAL A 191 -6.54 26.99 2.34
N ASP A 192 -6.24 28.10 3.02
CA ASP A 192 -5.95 28.08 4.46
C ASP A 192 -4.82 27.11 4.79
N LYS A 193 -3.84 27.03 3.89
CA LYS A 193 -2.60 26.28 4.10
C LYS A 193 -2.85 24.79 4.31
N VAL A 194 -3.92 24.26 3.74
CA VAL A 194 -4.16 22.82 3.71
C VAL A 194 -4.47 22.41 2.28
N ASN A 195 -3.73 21.42 1.78
CA ASN A 195 -3.84 21.03 0.39
C ASN A 195 -5.01 20.09 0.16
N PHE A 196 -5.67 20.25 -0.98
CA PHE A 196 -6.75 19.39 -1.41
C PHE A 196 -6.41 18.80 -2.78
N HIS A 197 -7.15 17.75 -3.14
CA HIS A 197 -6.94 17.05 -4.42
C HIS A 197 -8.30 16.63 -4.95
N MET A 198 -8.82 17.39 -5.91
CA MET A 198 -10.11 17.10 -6.52
C MET A 198 -9.91 16.29 -7.78
N PHE A 199 -10.59 15.15 -7.87
CA PHE A 199 -10.47 14.25 -9.01
C PHE A 199 -11.79 14.25 -9.77
N ASP A 200 -11.73 14.58 -11.05
CA ASP A 200 -12.89 14.58 -11.93
C ASP A 200 -12.74 13.45 -12.94
N VAL A 201 -13.75 12.59 -13.01
CA VAL A 201 -13.70 11.40 -13.85
C VAL A 201 -14.25 11.76 -15.23
N GLY A 202 -13.44 11.55 -16.26
CA GLY A 202 -13.84 11.83 -17.62
C GLY A 202 -13.48 10.69 -18.54
N ALA A 203 -13.98 10.78 -19.78
CA ALA A 203 -13.76 9.74 -20.80
C ALA A 203 -14.22 8.37 -20.31
N GLN A 204 -15.36 8.35 -19.63
CA GLN A 204 -15.94 7.10 -19.14
C GLN A 204 -17.37 6.94 -19.62
N ARG A 205 -18.07 5.94 -19.11
CA ARG A 205 -19.42 5.62 -19.54
C ARG A 205 -20.40 5.74 -18.37
N ASP A 206 -21.64 5.34 -18.60
CA ASP A 206 -22.68 5.42 -17.57
C ASP A 206 -22.45 4.42 -16.45
N GLU A 207 -21.74 3.33 -16.71
CA GLU A 207 -21.46 2.33 -15.68
C GLU A 207 -20.41 2.89 -14.72
N ARG A 208 -20.89 3.48 -13.63
CA ARG A 208 -20.02 4.12 -12.65
C ARG A 208 -19.71 3.24 -11.46
N ARG A 209 -20.54 2.24 -11.17
CA ARG A 209 -20.42 1.46 -9.95
C ARG A 209 -19.08 0.75 -9.81
N LYS A 210 -18.39 0.48 -10.91
CA LYS A 210 -17.19 -0.33 -10.88
C LYS A 210 -15.90 0.48 -10.74
N TRP A 211 -15.98 1.81 -10.75
CA TRP A 211 -14.83 2.63 -10.42
C TRP A 211 -15.04 3.55 -9.23
N ILE A 212 -16.27 3.65 -8.72
CA ILE A 212 -16.51 4.42 -7.51
C ILE A 212 -15.98 3.71 -6.27
N GLN A 213 -15.78 2.39 -6.36
CA GLN A 213 -15.19 1.65 -5.24
C GLN A 213 -13.78 2.14 -4.93
N CYS A 214 -13.09 2.73 -5.92
CA CYS A 214 -11.77 3.30 -5.68
C CYS A 214 -11.82 4.53 -4.79
N PHE A 215 -13.00 5.08 -4.53
CA PHE A 215 -13.15 6.32 -3.79
C PHE A 215 -13.90 6.10 -2.48
N ASN A 216 -13.61 5.00 -1.80
CA ASN A 216 -14.21 4.74 -0.49
C ASN A 216 -13.43 5.36 0.64
N ASP A 217 -12.30 6.01 0.36
CA ASP A 217 -11.49 6.64 1.39
C ASP A 217 -11.27 8.12 1.14
N VAL A 218 -11.92 8.70 0.13
CA VAL A 218 -11.79 10.13 -0.11
C VAL A 218 -12.54 10.91 0.98
N THR A 219 -12.16 12.18 1.13
CA THR A 219 -12.76 12.99 2.18
C THR A 219 -14.22 13.31 1.87
N ALA A 220 -14.53 13.66 0.63
CA ALA A 220 -15.90 14.04 0.28
C ALA A 220 -16.12 13.87 -1.21
N ILE A 221 -17.40 13.86 -1.57
CA ILE A 221 -17.83 13.86 -2.97
C ILE A 221 -18.53 15.18 -3.23
N ILE A 222 -17.91 16.05 -4.02
CA ILE A 222 -18.52 17.32 -4.43
C ILE A 222 -19.46 17.00 -5.57
N PHE A 223 -20.76 16.99 -5.29
CA PHE A 223 -21.78 16.66 -6.29
C PHE A 223 -22.39 17.95 -6.81
N VAL A 224 -22.15 18.24 -8.08
CA VAL A 224 -22.61 19.49 -8.69
C VAL A 224 -23.90 19.23 -9.46
N VAL A 225 -24.91 20.05 -9.20
CA VAL A 225 -26.21 19.94 -9.84
C VAL A 225 -26.59 21.28 -10.43
N ASP A 226 -27.04 21.27 -11.68
CA ASP A 226 -27.61 22.46 -12.30
C ASP A 226 -29.06 22.60 -11.86
N SER A 227 -29.35 23.64 -11.08
CA SER A 227 -30.71 23.87 -10.61
C SER A 227 -31.65 24.28 -11.72
N SER A 228 -31.15 24.63 -12.89
CA SER A 228 -31.98 25.00 -14.03
C SER A 228 -31.94 23.95 -15.13
N ASN A 231 -35.41 20.76 -15.84
CA ASN A 231 -35.79 19.75 -16.83
C ASN A 231 -35.23 18.39 -16.44
N ARG A 232 -33.91 18.26 -16.48
CA ARG A 232 -33.22 17.05 -16.07
C ARG A 232 -32.89 17.03 -14.58
N LEU A 233 -33.65 17.79 -13.78
CA LEU A 233 -33.40 17.81 -12.34
C LEU A 233 -33.71 16.45 -11.70
N GLN A 234 -34.73 15.76 -12.21
CA GLN A 234 -35.04 14.44 -11.68
C GLN A 234 -33.94 13.43 -12.00
N GLU A 235 -33.35 13.53 -13.20
CA GLU A 235 -32.22 12.68 -13.53
C GLU A 235 -31.06 12.92 -12.58
N ALA A 236 -30.77 14.18 -12.28
CA ALA A 236 -29.68 14.49 -11.35
C ALA A 236 -30.02 14.05 -9.94
N LEU A 237 -31.30 14.13 -9.55
CA LEU A 237 -31.70 13.66 -8.23
C LEU A 237 -31.51 12.16 -8.11
N ASN A 238 -31.88 11.40 -9.15
CA ASN A 238 -31.60 9.97 -9.16
C ASN A 238 -30.10 9.69 -9.17
N ASP A 239 -29.32 10.55 -9.85
CA ASP A 239 -27.88 10.42 -9.83
C ASP A 239 -27.32 10.63 -8.42
N PHE A 240 -27.98 11.49 -7.63
CA PHE A 240 -27.58 11.67 -6.24
C PHE A 240 -27.79 10.39 -5.46
N LYS A 241 -28.88 9.68 -5.72
CA LYS A 241 -29.01 8.32 -5.24
C LYS A 241 -28.04 7.42 -6.00
N SER A 242 -27.74 6.26 -5.41
CA SER A 242 -26.74 5.32 -5.90
C SER A 242 -25.34 5.91 -5.74
N ILE A 243 -25.28 7.18 -5.31
CA ILE A 243 -24.06 7.77 -4.77
C ILE A 243 -24.17 7.97 -3.27
N TRP A 244 -25.31 8.50 -2.82
CA TRP A 244 -25.60 8.54 -1.39
C TRP A 244 -25.85 7.13 -0.84
N ASN A 245 -26.51 6.29 -1.62
CA ASN A 245 -26.89 4.95 -1.18
C ASN A 245 -25.91 3.87 -1.63
N ASN A 246 -24.80 4.24 -2.27
CA ASN A 246 -23.82 3.26 -2.70
C ASN A 246 -23.20 2.57 -1.49
N ARG A 247 -23.06 1.24 -1.58
CA ARG A 247 -22.57 0.46 -0.45
C ARG A 247 -21.09 0.69 -0.18
N TRP A 248 -20.37 1.29 -1.11
CA TRP A 248 -18.97 1.62 -0.91
C TRP A 248 -18.77 3.07 -0.45
N LEU A 249 -19.85 3.81 -0.26
CA LEU A 249 -19.80 5.21 0.16
C LEU A 249 -20.71 5.44 1.35
N ARG A 250 -20.81 4.45 2.24
CA ARG A 250 -21.64 4.60 3.43
C ARG A 250 -21.07 5.63 4.39
N THR A 251 -19.74 5.73 4.47
CA THR A 251 -19.07 6.69 5.33
C THR A 251 -18.52 7.88 4.56
N ILE A 252 -19.05 8.14 3.36
CA ILE A 252 -18.54 9.17 2.46
C ILE A 252 -19.54 10.31 2.44
N SER A 253 -19.11 11.48 2.89
CA SER A 253 -19.97 12.66 2.90
C SER A 253 -20.01 13.29 1.51
N VAL A 254 -21.12 13.96 1.22
CA VAL A 254 -21.34 14.61 -0.07
C VAL A 254 -21.50 16.09 0.16
N ILE A 255 -20.65 16.89 -0.48
CA ILE A 255 -20.77 18.34 -0.48
C ILE A 255 -21.60 18.67 -1.72
N LEU A 256 -22.85 19.05 -1.50
CA LEU A 256 -23.78 19.28 -2.59
C LEU A 256 -23.69 20.74 -3.06
N PHE A 257 -23.27 20.94 -4.30
CA PHE A 257 -23.22 22.24 -4.93
C PHE A 257 -24.41 22.38 -5.86
N LEU A 258 -25.17 23.46 -5.69
CA LEU A 258 -26.27 23.79 -6.59
C LEU A 258 -25.77 24.92 -7.50
N ASN A 259 -25.06 24.51 -8.55
CA ASN A 259 -24.31 25.45 -9.37
C ASN A 259 -25.25 26.25 -10.27
N LYS A 260 -24.73 27.39 -10.74
CA LYS A 260 -25.45 28.29 -11.64
C LYS A 260 -26.82 28.64 -11.08
N GLN A 261 -26.84 29.04 -9.81
CA GLN A 261 -28.06 29.51 -9.18
C GLN A 261 -28.56 30.81 -9.79
N ASP A 262 -27.68 31.58 -10.43
CA ASP A 262 -28.12 32.80 -11.09
C ASP A 262 -28.92 32.50 -12.36
N LEU A 263 -28.62 31.40 -13.05
CA LEU A 263 -29.51 30.95 -14.12
C LEU A 263 -30.91 30.71 -13.60
N LEU A 264 -31.03 30.00 -12.47
CA LEU A 264 -32.34 29.79 -11.87
C LEU A 264 -32.98 31.11 -11.47
N ALA A 265 -32.18 32.03 -10.93
CA ALA A 265 -32.70 33.32 -10.48
C ALA A 265 -33.31 34.10 -11.63
N GLU A 266 -32.58 34.19 -12.75
CA GLU A 266 -33.04 34.97 -13.89
C GLU A 266 -33.90 34.15 -14.85
N LYS A 267 -34.18 32.89 -14.49
CA LYS A 267 -35.09 32.07 -15.28
C LYS A 267 -36.45 31.96 -14.60
N VAL A 268 -36.47 32.06 -13.27
CA VAL A 268 -37.72 31.85 -12.54
C VAL A 268 -38.59 33.11 -12.49
N LEU A 269 -38.01 34.30 -12.66
CA LEU A 269 -38.82 35.50 -12.77
C LEU A 269 -39.72 35.42 -14.01
N ALA A 270 -39.17 34.98 -15.13
CA ALA A 270 -39.98 34.77 -16.32
C ALA A 270 -40.88 33.55 -16.14
N GLY A 271 -42.09 33.64 -16.66
CA GLY A 271 -43.04 32.55 -16.56
C GLY A 271 -42.93 31.50 -17.64
N LYS A 272 -41.88 31.56 -18.47
CA LYS A 272 -41.73 30.58 -19.55
C LYS A 272 -41.56 29.18 -18.99
N SER A 273 -40.80 29.03 -17.91
CA SER A 273 -40.56 27.74 -17.27
C SER A 273 -41.14 27.77 -15.86
N LYS A 274 -41.94 26.76 -15.55
CA LYS A 274 -42.56 26.62 -14.23
C LYS A 274 -41.99 25.39 -13.55
N ILE A 275 -41.47 25.57 -12.33
CA ILE A 275 -40.88 24.45 -11.60
C ILE A 275 -41.96 23.42 -11.26
N GLU A 276 -43.17 23.90 -10.92
CA GLU A 276 -44.25 22.98 -10.59
C GLU A 276 -44.63 22.07 -11.75
N ASP A 277 -44.35 22.49 -12.99
CA ASP A 277 -44.69 21.65 -14.14
C ASP A 277 -43.89 20.36 -14.14
N TYR A 278 -42.59 20.44 -13.83
CA TYR A 278 -41.76 19.25 -13.80
C TYR A 278 -41.87 18.52 -12.47
N PHE A 279 -41.99 19.26 -11.36
CA PHE A 279 -42.16 18.67 -10.04
C PHE A 279 -43.52 19.07 -9.49
N PRO A 280 -44.50 18.17 -9.49
CA PRO A 280 -45.86 18.57 -9.09
C PRO A 280 -45.96 19.08 -7.66
N GLU A 281 -45.15 18.56 -6.74
CA GLU A 281 -45.26 18.95 -5.34
C GLU A 281 -44.50 20.24 -5.06
N PHE A 282 -44.79 21.28 -5.82
CA PHE A 282 -44.19 22.60 -5.61
C PHE A 282 -45.16 23.63 -5.07
N ALA A 283 -46.40 23.66 -5.58
CA ALA A 283 -47.40 24.55 -5.04
C ALA A 283 -47.71 24.21 -3.59
N ARG A 284 -47.80 22.92 -3.27
CA ARG A 284 -48.05 22.48 -1.90
C ARG A 284 -46.74 22.40 -1.12
N TYR A 285 -45.97 23.49 -1.12
CA TYR A 285 -44.69 23.53 -0.41
C TYR A 285 -44.39 24.98 -0.07
N THR A 286 -44.11 25.23 1.21
CA THR A 286 -43.80 26.57 1.69
C THR A 286 -42.30 26.69 1.95
N THR A 287 -41.78 27.90 1.79
CA THR A 287 -40.37 28.13 1.99
C THR A 287 -40.00 27.84 3.46
N PRO A 288 -38.88 27.17 3.70
CA PRO A 288 -38.53 26.81 5.08
C PRO A 288 -38.25 28.03 5.93
N GLU A 289 -38.57 27.91 7.22
CA GLU A 289 -38.29 28.99 8.16
C GLU A 289 -36.79 29.25 8.27
N ASP A 290 -36.00 28.17 8.30
CA ASP A 290 -34.54 28.29 8.41
C ASP A 290 -33.94 28.55 7.03
N ALA A 291 -34.27 29.72 6.49
CA ALA A 291 -33.75 30.17 5.20
C ALA A 291 -33.08 31.52 5.36
N THR A 292 -31.95 31.69 4.69
CA THR A 292 -31.16 32.92 4.76
C THR A 292 -30.95 33.45 3.35
N PRO A 293 -31.98 34.04 2.75
CA PRO A 293 -31.84 34.57 1.39
C PRO A 293 -30.87 35.75 1.35
N GLU A 294 -30.18 35.88 0.22
CA GLU A 294 -29.31 37.01 0.01
C GLU A 294 -30.13 38.29 -0.15
N PRO A 295 -29.61 39.43 0.30
CA PRO A 295 -30.35 40.69 0.14
C PRO A 295 -30.55 41.07 -1.32
N GLY A 296 -31.80 41.04 -1.77
CA GLY A 296 -32.12 41.36 -3.14
C GLY A 296 -32.58 40.15 -3.93
N GLU A 297 -33.20 39.19 -3.25
CA GLU A 297 -33.69 37.97 -3.86
C GLU A 297 -35.20 37.91 -3.72
N ASP A 298 -35.89 37.67 -4.84
CA ASP A 298 -37.34 37.55 -4.81
C ASP A 298 -37.75 36.29 -4.05
N PRO A 299 -38.92 36.31 -3.42
CA PRO A 299 -39.39 35.11 -2.70
C PRO A 299 -39.52 33.89 -3.60
N ARG A 300 -39.86 34.08 -4.88
CA ARG A 300 -39.98 32.94 -5.78
C ARG A 300 -38.64 32.26 -5.98
N VAL A 301 -37.57 33.03 -6.15
CA VAL A 301 -36.24 32.45 -6.35
C VAL A 301 -35.84 31.63 -5.13
N THR A 302 -36.03 32.19 -3.94
CA THR A 302 -35.68 31.48 -2.71
C THR A 302 -36.52 30.22 -2.56
N ARG A 303 -37.82 30.31 -2.86
CA ARG A 303 -38.69 29.15 -2.74
C ARG A 303 -38.24 28.04 -3.69
N ALA A 304 -37.89 28.39 -4.93
CA ALA A 304 -37.48 27.37 -5.89
C ALA A 304 -36.16 26.73 -5.48
N LYS A 305 -35.16 27.55 -5.14
CA LYS A 305 -33.86 27.00 -4.79
C LYS A 305 -33.95 26.14 -3.53
N TYR A 306 -34.74 26.56 -2.55
CA TYR A 306 -34.88 25.77 -1.34
C TYR A 306 -35.75 24.54 -1.57
N PHE A 307 -36.65 24.57 -2.54
CA PHE A 307 -37.37 23.36 -2.92
C PHE A 307 -36.43 22.32 -3.51
N ILE A 308 -35.52 22.77 -4.38
CA ILE A 308 -34.53 21.83 -4.93
C ILE A 308 -33.65 21.28 -3.83
N ARG A 309 -33.18 22.16 -2.94
CA ARG A 309 -32.34 21.71 -1.83
C ARG A 309 -33.10 20.75 -0.94
N ASP A 310 -34.38 21.00 -0.70
CA ASP A 310 -35.17 20.13 0.17
C ASP A 310 -35.39 18.77 -0.49
N GLU A 311 -35.57 18.74 -1.80
CA GLU A 311 -35.62 17.46 -2.51
C GLU A 311 -34.33 16.68 -2.28
N PHE A 312 -33.19 17.36 -2.44
CA PHE A 312 -31.92 16.67 -2.28
C PHE A 312 -31.71 16.18 -0.85
N LEU A 313 -32.04 17.01 0.14
CA LEU A 313 -31.86 16.59 1.53
C LEU A 313 -32.90 15.55 1.96
N ARG A 314 -34.06 15.52 1.32
CA ARG A 314 -35.01 14.44 1.60
C ARG A 314 -34.50 13.12 1.04
N ILE A 315 -33.83 13.16 -0.12
CA ILE A 315 -33.18 11.95 -0.60
C ILE A 315 -32.03 11.56 0.32
N SER A 316 -31.27 12.54 0.80
CA SER A 316 -30.07 12.25 1.57
C SER A 316 -30.40 11.72 2.97
N THR A 317 -31.25 12.44 3.70
CA THR A 317 -31.54 12.06 5.08
C THR A 317 -32.21 10.70 5.15
N ALA A 318 -33.12 10.40 4.23
CA ALA A 318 -33.70 9.08 4.16
C ALA A 318 -32.61 8.05 3.87
N SER A 319 -32.73 6.90 4.53
CA SER A 319 -31.73 5.82 4.44
C SER A 319 -30.35 6.30 4.88
N GLY A 320 -30.31 7.23 5.83
CA GLY A 320 -29.05 7.70 6.39
C GLY A 320 -28.88 7.30 7.83
N ASP A 321 -27.80 6.59 8.15
CA ASP A 321 -27.56 6.08 9.49
C ASP A 321 -26.67 7.01 10.31
N GLY A 322 -26.38 8.20 9.81
CA GLY A 322 -25.50 9.11 10.50
C GLY A 322 -24.02 8.91 10.24
N ARG A 323 -23.66 7.91 9.44
CA ARG A 323 -22.26 7.70 9.11
C ARG A 323 -21.74 8.72 8.10
N HIS A 324 -22.63 9.27 7.27
CA HIS A 324 -22.25 10.28 6.29
C HIS A 324 -23.33 11.34 6.21
N TYR A 325 -22.92 12.56 5.88
CA TYR A 325 -23.80 13.71 5.85
C TYR A 325 -23.67 14.44 4.53
N CYS A 326 -24.77 15.06 4.10
CA CYS A 326 -24.82 15.83 2.87
C CYS A 326 -24.86 17.31 3.21
N TYR A 327 -24.00 18.09 2.56
CA TYR A 327 -23.86 19.51 2.86
C TYR A 327 -24.25 20.34 1.65
N PRO A 328 -25.45 20.91 1.62
CA PRO A 328 -25.89 21.67 0.45
C PRO A 328 -25.29 23.07 0.41
N HIS A 329 -25.10 23.56 -0.81
CA HIS A 329 -24.56 24.89 -1.04
C HIS A 329 -25.13 25.44 -2.33
N PHE A 330 -25.11 26.77 -2.46
CA PHE A 330 -25.58 27.47 -3.64
C PHE A 330 -24.40 28.17 -4.28
N THR A 331 -24.17 27.90 -5.57
CA THR A 331 -23.06 28.47 -6.31
C THR A 331 -23.54 28.95 -7.66
N CYS A 332 -22.78 29.88 -8.24
CA CYS A 332 -23.09 30.43 -9.55
C CYS A 332 -21.99 30.17 -10.57
N SER A 333 -21.07 29.25 -10.28
CA SER A 333 -20.00 28.82 -11.18
C SER A 333 -18.94 29.91 -11.35
N VAL A 334 -19.20 31.10 -10.82
CA VAL A 334 -18.22 32.18 -10.74
C VAL A 334 -18.24 32.66 -9.30
N ASP A 335 -17.41 32.05 -8.45
CA ASP A 335 -17.40 32.38 -7.03
C ASP A 335 -16.09 31.91 -6.43
N THR A 336 -15.27 32.85 -5.95
CA THR A 336 -14.03 32.47 -5.29
C THR A 336 -14.27 31.78 -3.96
N GLU A 337 -15.51 31.82 -3.46
CA GLU A 337 -15.81 31.25 -2.15
C GLU A 337 -16.01 29.74 -2.20
N ASN A 338 -16.06 29.14 -3.38
CA ASN A 338 -16.34 27.70 -3.49
C ASN A 338 -15.26 26.88 -2.80
N ALA A 339 -13.99 27.26 -2.99
CA ALA A 339 -12.91 26.58 -2.30
C ALA A 339 -13.04 26.71 -0.80
N ARG A 340 -13.47 27.88 -0.33
CA ARG A 340 -13.65 28.09 1.10
C ARG A 340 -14.80 27.23 1.64
N ARG A 341 -15.87 27.07 0.86
CA ARG A 341 -16.95 26.19 1.26
C ARG A 341 -16.46 24.74 1.37
N ILE A 342 -15.69 24.29 0.39
CA ILE A 342 -15.14 22.94 0.44
C ILE A 342 -14.23 22.79 1.65
N PHE A 343 -13.44 23.81 1.95
CA PHE A 343 -12.57 23.82 3.12
C PHE A 343 -13.37 23.67 4.41
N ASN A 344 -14.37 24.55 4.59
CA ASN A 344 -15.18 24.55 5.81
C ASN A 344 -16.00 23.28 5.94
N ASP A 345 -16.31 22.63 4.84
CA ASP A 345 -17.11 21.41 4.91
C ASP A 345 -16.23 20.19 5.14
N CYS A 346 -15.05 20.17 4.55
CA CYS A 346 -14.08 19.10 4.81
C CYS A 346 -13.65 19.12 6.27
N ARG A 347 -13.45 20.32 6.83
CA ARG A 347 -13.12 20.39 8.25
C ARG A 347 -14.24 19.84 9.12
N ASP A 348 -15.50 20.08 8.74
CA ASP A 348 -16.61 19.55 9.51
C ASP A 348 -16.71 18.03 9.38
N ILE A 349 -16.49 17.50 8.18
CA ILE A 349 -16.51 16.05 7.98
C ILE A 349 -15.42 15.38 8.81
N ILE A 350 -14.21 15.93 8.74
CA ILE A 350 -13.09 15.35 9.49
C ILE A 350 -13.32 15.50 10.99
N GLN A 351 -13.91 16.62 11.41
CA GLN A 351 -14.23 16.83 12.81
C GLN A 351 -15.19 15.77 13.33
N ARG A 352 -16.27 15.52 12.58
CA ARG A 352 -17.20 14.48 13.02
C ARG A 352 -16.61 13.09 12.96
N MET A 353 -15.76 12.79 11.98
CA MET A 353 -15.14 11.47 11.95
C MET A 353 -14.18 11.28 13.13
N HIS A 354 -13.41 12.32 13.46
CA HIS A 354 -12.54 12.25 14.63
C HIS A 354 -13.35 12.10 15.91
N LEU A 355 -14.46 12.83 16.02
CA LEU A 355 -15.33 12.67 17.18
C LEU A 355 -15.90 11.27 17.27
N ARG A 356 -16.26 10.67 16.13
CA ARG A 356 -16.73 9.30 16.12
C ARG A 356 -15.64 8.33 16.55
N GLN A 357 -14.39 8.63 16.22
CA GLN A 357 -13.28 7.80 16.69
C GLN A 357 -13.17 7.81 18.20
N TYR A 358 -13.59 8.88 18.87
CA TYR A 358 -13.60 8.96 20.32
C TYR A 358 -14.90 8.47 20.94
N GLU A 359 -15.86 8.01 20.13
CA GLU A 359 -17.19 7.65 20.60
C GLU A 359 -17.84 8.82 21.34
N LEU A 360 -17.61 10.03 20.83
CA LEU A 360 -18.20 11.22 21.42
C LEU A 360 -19.53 11.60 20.77
N LEU A 361 -19.73 11.22 19.52
CA LEU A 361 -20.97 11.53 18.81
C LEU A 361 -21.95 10.37 18.92
N GLU B 7 -33.89 -7.07 -41.83
CA GLU B 7 -34.93 -6.67 -40.90
C GLU B 7 -34.48 -6.90 -39.46
N LEU B 8 -34.75 -5.92 -38.59
CA LEU B 8 -34.33 -6.04 -37.19
C LEU B 8 -35.02 -7.20 -36.50
N ASP B 9 -36.32 -7.38 -36.75
CA ASP B 9 -37.06 -8.46 -36.09
C ASP B 9 -36.54 -9.83 -36.52
N GLN B 10 -36.28 -10.01 -37.80
CA GLN B 10 -35.76 -11.31 -38.26
C GLN B 10 -34.35 -11.54 -37.76
N LEU B 11 -33.53 -10.49 -37.64
CA LEU B 11 -32.20 -10.65 -37.06
C LEU B 11 -32.29 -11.06 -35.61
N ARG B 12 -33.20 -10.45 -34.85
CA ARG B 12 -33.38 -10.83 -33.45
C ARG B 12 -33.88 -12.26 -33.34
N GLN B 13 -34.79 -12.67 -34.23
CA GLN B 13 -35.28 -14.04 -34.22
C GLN B 13 -34.15 -15.03 -34.53
N GLU B 14 -33.30 -14.69 -35.50
CA GLU B 14 -32.17 -15.55 -35.82
C GLU B 14 -31.21 -15.65 -34.65
N ALA B 15 -30.96 -14.52 -33.97
CA ALA B 15 -30.10 -14.55 -32.79
C ALA B 15 -30.68 -15.43 -31.70
N GLU B 16 -31.98 -15.32 -31.46
CA GLU B 16 -32.62 -16.16 -30.45
C GLU B 16 -32.55 -17.64 -30.82
N GLN B 17 -32.76 -17.95 -32.10
CA GLN B 17 -32.66 -19.35 -32.54
C GLN B 17 -31.24 -19.88 -32.39
N LEU B 18 -30.24 -19.06 -32.72
CA LEU B 18 -28.86 -19.49 -32.55
C LEU B 18 -28.52 -19.69 -31.08
N LYS B 19 -29.02 -18.81 -30.20
CA LYS B 19 -28.78 -18.98 -28.77
C LYS B 19 -29.44 -20.25 -28.25
N ASN B 20 -30.67 -20.54 -28.72
CA ASN B 20 -31.34 -21.76 -28.33
C ASN B 20 -30.56 -22.99 -28.82
N GLN B 21 -30.03 -22.93 -30.03
CA GLN B 21 -29.22 -24.05 -30.54
C GLN B 21 -27.96 -24.23 -29.70
N ILE B 22 -27.33 -23.12 -29.30
CA ILE B 22 -26.14 -23.21 -28.46
C ILE B 22 -26.48 -23.83 -27.11
N ARG B 23 -27.60 -23.41 -26.51
CA ARG B 23 -28.00 -23.99 -25.23
C ARG B 23 -28.30 -25.48 -25.37
N ASP B 24 -28.97 -25.87 -26.46
CA ASP B 24 -29.26 -27.28 -26.68
C ASP B 24 -27.98 -28.09 -26.85
N ALA B 25 -27.01 -27.56 -27.60
CA ALA B 25 -25.74 -28.25 -27.77
C ALA B 25 -25.00 -28.37 -26.45
N ARG B 26 -25.04 -27.32 -25.63
CA ARG B 26 -24.39 -27.36 -24.33
C ARG B 26 -25.02 -28.42 -23.43
N LYS B 27 -26.36 -28.48 -23.43
CA LYS B 27 -27.05 -29.49 -22.63
C LYS B 27 -26.81 -30.89 -23.16
N ALA B 28 -26.58 -31.03 -24.47
CA ALA B 28 -26.32 -32.34 -25.05
C ALA B 28 -25.02 -32.93 -24.51
N CYS B 29 -24.00 -32.09 -24.33
CA CYS B 29 -22.70 -32.54 -23.85
C CYS B 29 -22.66 -32.74 -22.34
N ALA B 30 -23.72 -32.37 -21.62
CA ALA B 30 -23.78 -32.52 -20.17
C ALA B 30 -24.09 -33.98 -19.83
N ASP B 31 -23.16 -34.85 -20.17
CA ASP B 31 -23.32 -36.27 -19.89
C ASP B 31 -23.36 -36.52 -18.38
N ALA B 32 -22.52 -35.83 -17.63
CA ALA B 32 -22.47 -35.97 -16.18
C ALA B 32 -22.05 -34.62 -15.61
N THR B 33 -21.66 -34.62 -14.33
CA THR B 33 -21.15 -33.44 -13.66
C THR B 33 -19.75 -33.72 -13.14
N LEU B 34 -18.96 -32.66 -12.99
CA LEU B 34 -17.61 -32.82 -12.45
C LEU B 34 -17.65 -33.38 -11.04
N SER B 35 -18.67 -33.02 -10.26
CA SER B 35 -18.81 -33.60 -8.92
C SER B 35 -19.02 -35.11 -9.00
N GLN B 36 -19.86 -35.56 -9.92
CA GLN B 36 -20.08 -37.00 -10.06
C GLN B 36 -18.82 -37.73 -10.50
N ILE B 37 -18.08 -37.14 -11.44
CA ILE B 37 -16.85 -37.77 -11.93
C ILE B 37 -15.80 -37.81 -10.82
N THR B 38 -15.75 -36.78 -9.98
CA THR B 38 -14.76 -36.67 -8.92
C THR B 38 -15.39 -36.83 -7.54
N ASN B 39 -16.37 -37.72 -7.43
CA ASN B 39 -16.98 -38.04 -6.14
C ASN B 39 -16.23 -39.14 -5.40
N ASN B 40 -15.21 -39.74 -6.02
CA ASN B 40 -14.47 -40.83 -5.40
C ASN B 40 -13.05 -40.46 -5.02
N ILE B 41 -12.51 -39.36 -5.54
CA ILE B 41 -11.15 -38.96 -5.19
C ILE B 41 -11.12 -38.50 -3.74
N ASP B 42 -10.01 -38.77 -3.07
CA ASP B 42 -9.88 -38.39 -1.67
C ASP B 42 -9.87 -36.87 -1.54
N PRO B 43 -10.54 -36.32 -0.53
CA PRO B 43 -10.52 -34.87 -0.34
C PRO B 43 -9.12 -34.37 -0.04
N VAL B 44 -8.84 -33.13 -0.45
CA VAL B 44 -7.54 -32.53 -0.23
C VAL B 44 -7.26 -32.26 1.24
N GLY B 45 -8.28 -32.37 2.10
CA GLY B 45 -8.10 -32.15 3.51
C GLY B 45 -8.17 -30.68 3.88
N ARG B 46 -8.11 -30.43 5.19
CA ARG B 46 -8.17 -29.07 5.72
C ARG B 46 -6.78 -28.46 5.62
N ILE B 47 -6.48 -27.88 4.46
CA ILE B 47 -5.20 -27.24 4.27
C ILE B 47 -5.10 -26.00 5.15
N GLN B 48 -3.88 -25.69 5.59
CA GLN B 48 -3.65 -24.57 6.51
C GLN B 48 -2.39 -23.86 6.08
N MET B 49 -2.55 -22.68 5.50
CA MET B 49 -1.43 -21.84 5.10
C MET B 49 -1.41 -20.60 5.97
N ARG B 50 -0.28 -20.36 6.63
CA ARG B 50 -0.14 -19.24 7.54
C ARG B 50 0.65 -18.11 6.90
N THR B 51 0.54 -16.93 7.48
CA THR B 51 1.21 -15.75 6.94
C THR B 51 2.70 -15.83 7.17
N ARG B 52 3.43 -16.36 6.18
CA ARG B 52 4.88 -16.47 6.29
C ARG B 52 5.57 -15.12 6.17
N ARG B 53 4.93 -14.14 5.56
CA ARG B 53 5.56 -12.84 5.33
C ARG B 53 4.50 -11.79 5.04
N THR B 54 4.56 -10.67 5.77
CA THR B 54 3.69 -9.54 5.54
C THR B 54 4.53 -8.38 5.03
N LEU B 55 4.19 -7.86 3.86
CA LEU B 55 4.93 -6.79 3.21
C LEU B 55 4.19 -5.47 3.42
N ARG B 56 4.85 -4.54 4.11
CA ARG B 56 4.27 -3.24 4.44
C ARG B 56 5.09 -2.14 3.79
N GLY B 57 4.42 -1.01 3.52
CA GLY B 57 5.07 0.11 2.88
C GLY B 57 4.17 0.86 1.93
N HIS B 58 3.08 0.23 1.52
CA HIS B 58 2.08 0.90 0.69
C HIS B 58 1.24 1.83 1.55
N LEU B 59 1.10 3.08 1.09
CA LEU B 59 0.40 4.08 1.88
C LEU B 59 -1.12 3.90 1.83
N ALA B 60 -1.65 3.41 0.71
CA ALA B 60 -3.10 3.31 0.55
C ALA B 60 -3.51 1.90 0.18
N LYS B 61 -4.79 1.73 -0.17
CA LYS B 61 -5.30 0.41 -0.52
C LYS B 61 -4.58 -0.14 -1.75
N ILE B 62 -4.14 -1.38 -1.66
CA ILE B 62 -3.53 -2.07 -2.80
C ILE B 62 -4.62 -2.65 -3.67
N TYR B 63 -4.58 -2.35 -4.96
CA TYR B 63 -5.61 -2.80 -5.88
C TYR B 63 -5.18 -3.89 -6.83
N ALA B 64 -3.88 -4.08 -7.05
CA ALA B 64 -3.41 -5.13 -7.93
C ALA B 64 -2.04 -5.60 -7.47
N MET B 65 -1.71 -6.83 -7.85
CA MET B 65 -0.43 -7.43 -7.53
C MET B 65 -0.18 -8.58 -8.50
N HIS B 66 1.05 -8.69 -8.99
CA HIS B 66 1.42 -9.73 -9.92
C HIS B 66 2.77 -10.31 -9.54
N TRP B 67 2.87 -11.64 -9.58
CA TRP B 67 4.13 -12.32 -9.34
C TRP B 67 5.02 -12.24 -10.58
N GLY B 68 6.33 -12.26 -10.34
CA GLY B 68 7.26 -12.42 -11.43
C GLY B 68 7.42 -13.88 -11.83
N THR B 69 8.09 -14.09 -12.96
CA THR B 69 8.33 -15.45 -13.43
C THR B 69 9.21 -16.23 -12.46
N ASP B 70 10.22 -15.56 -11.90
CA ASP B 70 11.13 -16.21 -10.96
C ASP B 70 10.47 -16.58 -9.65
N SER B 71 9.26 -16.10 -9.38
CA SER B 71 8.52 -16.37 -8.15
C SER B 71 9.28 -15.87 -6.92
N ARG B 72 10.02 -14.77 -7.08
CA ARG B 72 10.74 -14.18 -5.96
C ARG B 72 10.41 -12.69 -5.87
N LEU B 73 10.12 -12.08 -7.02
CA LEU B 73 9.78 -10.67 -7.10
C LEU B 73 8.28 -10.51 -7.25
N LEU B 74 7.75 -9.45 -6.65
CA LEU B 74 6.30 -9.24 -6.57
C LEU B 74 5.98 -7.77 -6.76
N VAL B 75 5.25 -7.44 -7.80
CA VAL B 75 4.82 -6.06 -8.01
C VAL B 75 3.46 -5.87 -7.36
N SER B 76 3.25 -4.70 -6.76
CA SER B 76 1.99 -4.36 -6.13
C SER B 76 1.69 -2.88 -6.38
N ALA B 77 0.49 -2.61 -6.86
CA ALA B 77 0.05 -1.25 -7.15
C ALA B 77 -0.93 -0.79 -6.08
N SER B 78 -0.70 0.38 -5.52
CA SER B 78 -1.60 0.94 -4.53
C SER B 78 -2.22 2.23 -5.06
N GLN B 79 -3.42 2.54 -4.57
CA GLN B 79 -4.09 3.75 -5.03
C GLN B 79 -3.56 4.95 -4.26
N ASP B 80 -2.24 5.09 -4.24
CA ASP B 80 -1.56 6.26 -3.72
C ASP B 80 -0.56 6.81 -4.73
N GLY B 81 -0.52 6.23 -5.93
CA GLY B 81 0.48 6.58 -6.92
C GLY B 81 1.77 5.81 -6.81
N LYS B 82 1.76 4.64 -6.16
CA LYS B 82 2.98 3.89 -5.91
C LYS B 82 2.85 2.47 -6.45
N LEU B 83 3.85 2.06 -7.22
CA LEU B 83 4.00 0.69 -7.71
C LEU B 83 5.28 0.14 -7.10
N ILE B 84 5.16 -0.78 -6.16
CA ILE B 84 6.30 -1.27 -5.39
C ILE B 84 6.62 -2.69 -5.83
N ILE B 85 7.87 -2.92 -6.21
CA ILE B 85 8.37 -4.25 -6.52
C ILE B 85 9.17 -4.74 -5.33
N TRP B 86 8.66 -5.79 -4.69
CA TRP B 86 9.21 -6.38 -3.48
C TRP B 86 10.01 -7.64 -3.82
N ASP B 87 10.99 -7.93 -2.97
CA ASP B 87 11.63 -9.24 -2.94
C ASP B 87 10.89 -10.07 -1.92
N SER B 88 10.06 -11.00 -2.40
CA SER B 88 9.17 -11.74 -1.52
C SER B 88 9.92 -12.64 -0.54
N TYR B 89 11.16 -13.01 -0.84
CA TYR B 89 11.90 -13.89 0.06
C TYR B 89 12.48 -13.15 1.25
N THR B 90 12.86 -11.88 1.07
CA THR B 90 13.53 -11.12 2.13
C THR B 90 12.76 -9.87 2.53
N THR B 91 11.53 -9.69 2.06
CA THR B 91 10.66 -8.57 2.41
C THR B 91 11.23 -7.25 1.88
N ASN B 92 12.39 -7.32 1.23
CA ASN B 92 13.05 -6.12 0.75
C ASN B 92 12.27 -5.50 -0.41
N LYS B 93 12.31 -4.18 -0.49
CA LYS B 93 11.69 -3.43 -1.56
C LYS B 93 12.72 -3.20 -2.66
N VAL B 94 12.58 -3.92 -3.77
CA VAL B 94 13.49 -3.78 -4.89
C VAL B 94 13.28 -2.48 -5.65
N HIS B 95 12.05 -2.02 -5.79
CA HIS B 95 11.77 -0.80 -6.55
C HIS B 95 10.55 -0.11 -5.97
N ALA B 96 10.53 1.22 -6.03
CA ALA B 96 9.36 2.01 -5.69
C ALA B 96 9.15 3.03 -6.80
N ILE B 97 8.20 2.78 -7.68
CA ILE B 97 7.97 3.60 -8.86
C ILE B 97 6.80 4.54 -8.58
N PRO B 98 7.02 5.85 -8.54
CA PRO B 98 5.88 6.78 -8.53
C PRO B 98 5.13 6.71 -9.85
N LEU B 99 3.83 6.96 -9.78
CA LEU B 99 2.96 6.87 -10.94
C LEU B 99 2.32 8.22 -11.22
N ARG B 100 2.13 8.52 -12.50
CA ARG B 100 1.54 9.80 -12.88
C ARG B 100 0.12 9.93 -12.35
N SER B 101 -0.66 8.86 -12.41
CA SER B 101 -2.01 8.84 -11.87
C SER B 101 -2.02 7.98 -10.62
N SER B 102 -2.62 8.50 -9.55
CA SER B 102 -2.67 7.81 -8.27
C SER B 102 -3.83 6.85 -8.16
N TRP B 103 -4.64 6.71 -9.20
CA TRP B 103 -5.84 5.90 -9.17
C TRP B 103 -5.59 4.69 -10.06
N VAL B 104 -5.01 3.65 -9.48
CA VAL B 104 -4.48 2.50 -10.22
C VAL B 104 -5.23 1.25 -9.78
N MET B 105 -5.69 0.47 -10.76
CA MET B 105 -6.40 -0.76 -10.48
C MET B 105 -5.70 -2.01 -11.00
N THR B 106 -4.67 -1.87 -11.83
CA THR B 106 -4.01 -3.02 -12.42
C THR B 106 -2.50 -2.83 -12.45
N CYS B 107 -1.79 -3.96 -12.48
CA CYS B 107 -0.35 -3.98 -12.64
C CYS B 107 0.04 -5.35 -13.17
N ALA B 108 1.01 -5.37 -14.08
CA ALA B 108 1.46 -6.61 -14.72
C ALA B 108 2.97 -6.67 -14.71
N TYR B 109 3.51 -7.83 -14.35
CA TYR B 109 4.94 -8.10 -14.41
C TYR B 109 5.24 -8.89 -15.66
N ALA B 110 6.18 -8.40 -16.47
CA ALA B 110 6.54 -9.08 -17.69
C ALA B 110 7.18 -10.43 -17.38
N PRO B 111 6.96 -11.44 -18.24
CA PRO B 111 7.61 -12.74 -18.01
C PRO B 111 9.13 -12.65 -17.98
N SER B 112 9.72 -11.74 -18.75
CA SER B 112 11.17 -11.57 -18.73
C SER B 112 11.64 -10.80 -17.52
N GLY B 113 10.77 -10.04 -16.87
CA GLY B 113 11.14 -9.23 -15.72
C GLY B 113 11.76 -7.90 -16.06
N ASN B 114 11.84 -7.54 -17.34
CA ASN B 114 12.45 -6.28 -17.75
C ASN B 114 11.46 -5.13 -17.82
N TYR B 115 10.17 -5.39 -17.67
CA TYR B 115 9.14 -4.35 -17.77
C TYR B 115 8.06 -4.62 -16.73
N VAL B 116 7.38 -3.55 -16.33
CA VAL B 116 6.23 -3.67 -15.44
C VAL B 116 5.14 -2.71 -15.90
N ALA B 117 3.90 -3.19 -15.96
CA ALA B 117 2.78 -2.40 -16.43
C ALA B 117 1.91 -1.94 -15.27
N CYS B 118 1.17 -0.87 -15.51
CA CYS B 118 0.16 -0.42 -14.56
C CYS B 118 -0.91 0.37 -15.32
N GLY B 119 -2.06 0.55 -14.69
CA GLY B 119 -3.15 1.28 -15.32
C GLY B 119 -4.29 1.47 -14.36
N GLY B 120 -5.19 2.37 -14.74
CA GLY B 120 -6.33 2.68 -13.89
C GLY B 120 -7.28 3.68 -14.49
N LEU B 121 -7.69 4.66 -13.69
CA LEU B 121 -8.69 5.64 -14.10
C LEU B 121 -8.11 6.69 -15.04
N ASP B 122 -6.83 6.53 -15.41
CA ASP B 122 -6.18 7.42 -16.35
C ASP B 122 -6.35 6.98 -17.79
N ASN B 123 -6.99 5.84 -18.02
CA ASN B 123 -7.25 5.31 -19.37
C ASN B 123 -5.95 5.13 -20.13
N ILE B 124 -4.87 4.81 -19.42
CA ILE B 124 -3.54 4.72 -19.99
C ILE B 124 -2.82 3.55 -19.35
N CYS B 125 -2.17 2.73 -20.16
CA CYS B 125 -1.32 1.65 -19.69
C CYS B 125 0.12 2.15 -19.67
N SER B 126 0.67 2.33 -18.48
CA SER B 126 2.04 2.80 -18.32
C SER B 126 2.96 1.59 -18.21
N ILE B 127 3.90 1.47 -19.16
CA ILE B 127 4.90 0.43 -19.16
C ILE B 127 6.22 1.05 -18.72
N TYR B 128 6.76 0.55 -17.61
CA TYR B 128 8.00 1.02 -17.02
C TYR B 128 9.12 0.03 -17.28
N ASN B 129 10.28 0.57 -17.67
CA ASN B 129 11.46 -0.22 -17.95
C ASN B 129 12.26 -0.38 -16.66
N LEU B 130 12.28 -1.60 -16.12
CA LEU B 130 13.00 -1.85 -14.88
C LEU B 130 14.50 -1.85 -15.10
N LYS B 131 14.96 -2.45 -16.19
CA LYS B 131 16.39 -2.57 -16.48
C LYS B 131 16.78 -1.44 -17.44
N THR B 132 17.44 -0.42 -16.89
CA THR B 132 17.90 0.72 -17.68
C THR B 132 19.33 1.06 -17.27
N ARG B 133 20.09 1.58 -18.23
CA ARG B 133 21.46 1.99 -17.95
C ARG B 133 21.49 3.17 -16.97
N GLU B 134 20.44 3.98 -16.94
CA GLU B 134 20.38 5.10 -16.02
C GLU B 134 20.14 4.67 -14.57
N GLY B 135 19.73 3.42 -14.34
CA GLY B 135 19.59 2.89 -13.01
C GLY B 135 18.22 3.08 -12.40
N ASN B 136 17.39 3.98 -12.93
CA ASN B 136 16.07 4.24 -12.41
C ASN B 136 15.01 3.58 -13.29
N VAL B 137 13.80 3.54 -12.76
CA VAL B 137 12.64 3.02 -13.50
C VAL B 137 11.92 4.20 -14.13
N ARG B 138 11.80 4.17 -15.45
CA ARG B 138 11.22 5.27 -16.20
C ARG B 138 10.09 4.76 -17.08
N VAL B 139 9.23 5.67 -17.50
CA VAL B 139 8.12 5.32 -18.38
C VAL B 139 8.71 4.89 -19.72
N SER B 140 8.61 3.59 -20.02
CA SER B 140 9.01 3.13 -21.34
C SER B 140 7.94 3.44 -22.38
N ARG B 141 6.67 3.32 -22.00
CA ARG B 141 5.58 3.60 -22.92
C ARG B 141 4.36 4.05 -22.14
N GLU B 142 3.52 4.85 -22.81
CA GLU B 142 2.23 5.28 -22.27
C GLU B 142 1.18 4.95 -23.32
N LEU B 143 0.67 3.72 -23.28
CA LEU B 143 -0.30 3.27 -24.25
C LEU B 143 -1.65 3.91 -23.98
N ALA B 144 -2.15 4.67 -24.95
CA ALA B 144 -3.43 5.35 -24.86
C ALA B 144 -4.30 4.94 -26.03
N GLY B 145 -5.61 5.02 -25.83
CA GLY B 145 -6.57 4.62 -26.85
C GLY B 145 -7.80 3.95 -26.27
N HIS B 146 -7.77 3.68 -24.97
CA HIS B 146 -8.90 3.09 -24.28
C HIS B 146 -9.79 4.21 -23.75
N THR B 147 -11.04 4.25 -24.20
CA THR B 147 -11.98 5.27 -23.75
C THR B 147 -12.63 4.84 -22.44
N GLY B 148 -11.82 4.50 -21.46
CA GLY B 148 -12.34 4.04 -20.18
C GLY B 148 -11.20 3.57 -19.31
N TYR B 149 -11.54 3.30 -18.05
CA TYR B 149 -10.52 2.88 -17.09
C TYR B 149 -9.99 1.50 -17.45
N LEU B 150 -8.68 1.33 -17.28
CA LEU B 150 -8.05 0.03 -17.51
C LEU B 150 -8.21 -0.84 -16.27
N SER B 151 -8.94 -1.94 -16.43
CA SER B 151 -9.19 -2.83 -15.30
C SER B 151 -8.12 -3.90 -15.13
N CYS B 152 -7.54 -4.39 -16.22
CA CYS B 152 -6.51 -5.42 -16.11
C CYS B 152 -5.57 -5.35 -17.30
N CYS B 153 -4.36 -5.86 -17.11
CA CYS B 153 -3.35 -5.90 -18.17
C CYS B 153 -2.45 -7.10 -17.94
N ARG B 154 -2.02 -7.73 -19.03
CA ARG B 154 -1.15 -8.89 -18.96
C ARG B 154 -0.17 -8.88 -20.13
N PHE B 155 1.10 -9.14 -19.83
CA PHE B 155 2.13 -9.18 -20.85
C PHE B 155 2.11 -10.52 -21.57
N LEU B 156 2.04 -10.49 -22.90
CA LEU B 156 2.35 -11.68 -23.69
C LEU B 156 3.85 -11.90 -23.79
N ASP B 157 4.61 -10.82 -23.96
CA ASP B 157 6.06 -10.86 -24.05
C ASP B 157 6.56 -9.45 -23.78
N ASP B 158 7.84 -9.20 -24.08
CA ASP B 158 8.42 -7.89 -23.84
C ASP B 158 7.85 -6.81 -24.75
N ASN B 159 7.13 -7.17 -25.81
CA ASN B 159 6.63 -6.22 -26.77
C ASN B 159 5.12 -6.15 -26.87
N GLN B 160 4.41 -7.23 -26.58
CA GLN B 160 2.96 -7.28 -26.70
C GLN B 160 2.32 -7.37 -25.33
N ILE B 161 1.37 -6.48 -25.07
CA ILE B 161 0.58 -6.49 -23.84
C ILE B 161 -0.89 -6.43 -24.23
N VAL B 162 -1.73 -7.15 -23.48
CA VAL B 162 -3.17 -7.17 -23.72
C VAL B 162 -3.84 -6.59 -22.48
N THR B 163 -4.66 -5.56 -22.68
CA THR B 163 -5.27 -4.81 -21.59
C THR B 163 -6.79 -4.82 -21.77
N SER B 164 -7.50 -5.21 -20.72
CA SER B 164 -8.95 -5.18 -20.67
C SER B 164 -9.37 -3.94 -19.90
N SER B 165 -10.17 -3.07 -20.53
CA SER B 165 -10.48 -1.77 -19.95
C SER B 165 -11.99 -1.60 -19.87
N GLY B 166 -12.42 -0.73 -18.95
CA GLY B 166 -13.83 -0.55 -18.69
C GLY B 166 -14.55 0.28 -19.72
N ASP B 167 -14.21 0.07 -20.99
CA ASP B 167 -14.98 0.57 -22.12
C ASP B 167 -15.60 -0.56 -22.92
N THR B 168 -15.85 -1.70 -22.26
CA THR B 168 -16.39 -2.93 -22.84
C THR B 168 -15.45 -3.56 -23.86
N THR B 169 -14.17 -3.21 -23.86
CA THR B 169 -13.22 -3.73 -24.84
C THR B 169 -11.95 -4.20 -24.17
N CYS B 170 -11.33 -5.21 -24.79
CA CYS B 170 -9.93 -5.55 -24.56
C CYS B 170 -9.12 -5.11 -25.76
N ALA B 171 -7.80 -5.05 -25.58
CA ALA B 171 -6.94 -4.58 -26.65
C ALA B 171 -5.57 -5.22 -26.56
N LEU B 172 -5.15 -5.87 -27.63
CA LEU B 172 -3.77 -6.32 -27.79
C LEU B 172 -2.96 -5.19 -28.41
N TRP B 173 -2.00 -4.69 -27.66
CA TRP B 173 -1.23 -3.51 -28.03
C TRP B 173 0.08 -3.93 -28.71
N ASP B 174 0.95 -2.94 -28.93
CA ASP B 174 2.28 -3.17 -29.50
C ASP B 174 3.17 -2.08 -28.93
N ILE B 175 3.98 -2.44 -27.93
CA ILE B 175 4.71 -1.45 -27.15
C ILE B 175 5.70 -0.68 -28.00
N GLU B 176 6.32 -1.35 -28.97
CA GLU B 176 7.30 -0.67 -29.81
C GLU B 176 6.67 0.48 -30.59
N THR B 177 5.48 0.26 -31.15
CA THR B 177 4.79 1.30 -31.89
C THR B 177 3.79 2.08 -31.06
N GLY B 178 3.39 1.56 -29.91
CA GLY B 178 2.43 2.27 -29.07
C GLY B 178 1.04 2.30 -29.63
N GLN B 179 0.68 1.33 -30.47
CA GLN B 179 -0.62 1.31 -31.12
C GLN B 179 -1.32 -0.01 -30.85
N GLN B 180 -2.64 0.02 -30.85
CA GLN B 180 -3.43 -1.18 -30.66
C GLN B 180 -3.27 -2.10 -31.86
N THR B 181 -2.94 -3.37 -31.61
CA THR B 181 -2.82 -4.34 -32.67
C THR B 181 -4.12 -5.08 -32.95
N THR B 182 -4.94 -5.29 -31.93
CA THR B 182 -6.22 -5.96 -32.15
C THR B 182 -7.19 -5.57 -31.05
N THR B 183 -8.32 -4.99 -31.41
CA THR B 183 -9.34 -4.57 -30.45
C THR B 183 -10.38 -5.67 -30.33
N PHE B 184 -10.43 -6.31 -29.16
CA PHE B 184 -11.40 -7.35 -28.87
C PHE B 184 -12.67 -6.68 -28.35
N THR B 185 -13.74 -6.73 -29.15
CA THR B 185 -15.03 -6.16 -28.80
C THR B 185 -16.08 -7.26 -28.77
N GLY B 186 -17.17 -6.98 -28.08
CA GLY B 186 -18.26 -7.94 -27.98
C GLY B 186 -18.92 -7.94 -26.62
N HIS B 187 -18.17 -7.55 -25.59
CA HIS B 187 -18.73 -7.45 -24.25
C HIS B 187 -19.67 -6.26 -24.17
N THR B 188 -20.78 -6.44 -23.45
CA THR B 188 -21.76 -5.39 -23.26
C THR B 188 -21.51 -4.57 -22.00
N GLY B 189 -20.52 -4.94 -21.20
CA GLY B 189 -20.19 -4.22 -19.99
C GLY B 189 -18.69 -4.14 -19.81
N ASP B 190 -18.28 -3.44 -18.75
CA ASP B 190 -16.86 -3.25 -18.48
C ASP B 190 -16.20 -4.59 -18.17
N VAL B 191 -15.09 -4.87 -18.86
CA VAL B 191 -14.31 -6.06 -18.55
C VAL B 191 -13.46 -5.79 -17.33
N MET B 192 -13.56 -6.67 -16.33
CA MET B 192 -12.86 -6.47 -15.07
C MET B 192 -11.52 -7.17 -15.00
N SER B 193 -11.40 -8.37 -15.55
CA SER B 193 -10.14 -9.10 -15.51
C SER B 193 -9.99 -9.93 -16.77
N LEU B 194 -8.74 -10.26 -17.07
CA LEU B 194 -8.42 -11.16 -18.17
C LEU B 194 -7.26 -12.06 -17.74
N SER B 195 -7.34 -13.34 -18.12
CA SER B 195 -6.33 -14.32 -17.75
C SER B 195 -5.72 -14.90 -19.02
N LEU B 196 -4.40 -14.87 -19.11
CA LEU B 196 -3.70 -15.38 -20.27
C LEU B 196 -3.59 -16.91 -20.20
N ALA B 197 -3.81 -17.56 -21.33
CA ALA B 197 -3.54 -18.98 -21.41
C ALA B 197 -2.04 -19.23 -21.33
N PRO B 198 -1.63 -20.39 -20.80
CA PRO B 198 -0.19 -20.68 -20.72
C PRO B 198 0.50 -20.67 -22.09
N ASP B 199 -0.20 -21.05 -23.14
CA ASP B 199 0.37 -21.04 -24.49
C ASP B 199 0.31 -19.68 -25.15
N THR B 200 -0.37 -18.70 -24.55
CA THR B 200 -0.47 -17.31 -24.98
C THR B 200 -1.35 -17.16 -26.22
N ARG B 201 -1.83 -18.25 -26.80
CA ARG B 201 -2.63 -18.15 -28.03
C ARG B 201 -4.02 -17.61 -27.75
N LEU B 202 -4.58 -17.88 -26.57
CA LEU B 202 -5.92 -17.44 -26.22
C LEU B 202 -5.88 -16.70 -24.90
N PHE B 203 -6.93 -15.93 -24.63
CA PHE B 203 -7.10 -15.33 -23.32
C PHE B 203 -8.58 -15.13 -23.04
N VAL B 204 -8.99 -15.36 -21.80
CA VAL B 204 -10.37 -15.25 -21.40
C VAL B 204 -10.53 -14.01 -20.53
N SER B 205 -11.60 -13.25 -20.78
CA SER B 205 -11.88 -12.00 -20.07
C SER B 205 -13.33 -12.00 -19.62
N GLY B 206 -13.55 -11.69 -18.35
CA GLY B 206 -14.89 -11.58 -17.79
C GLY B 206 -15.29 -10.13 -17.62
N ALA B 207 -16.54 -9.82 -17.94
CA ALA B 207 -17.00 -8.44 -17.92
C ALA B 207 -18.12 -8.26 -16.89
N CYS B 208 -18.57 -7.02 -16.74
CA CYS B 208 -19.72 -6.71 -15.90
C CYS B 208 -21.00 -6.93 -16.68
N ASP B 209 -21.12 -8.10 -17.31
CA ASP B 209 -22.34 -8.50 -18.00
C ASP B 209 -22.68 -9.95 -17.66
N ALA B 210 -22.14 -10.47 -16.58
CA ALA B 210 -22.32 -11.88 -16.19
C ALA B 210 -21.85 -12.81 -17.31
N SER B 211 -20.76 -12.44 -17.98
CA SER B 211 -20.28 -13.20 -19.11
C SER B 211 -18.76 -13.14 -19.18
N ALA B 212 -18.16 -14.28 -19.46
CA ALA B 212 -16.76 -14.40 -19.81
C ALA B 212 -16.65 -14.73 -21.29
N LYS B 213 -15.53 -14.35 -21.90
CA LYS B 213 -15.35 -14.55 -23.32
C LYS B 213 -13.92 -14.95 -23.62
N LEU B 214 -13.78 -15.96 -24.48
CA LEU B 214 -12.47 -16.44 -24.92
C LEU B 214 -12.10 -15.76 -26.23
N TRP B 215 -10.93 -15.16 -26.28
CA TRP B 215 -10.47 -14.42 -27.45
C TRP B 215 -9.19 -15.05 -27.96
N ASP B 216 -9.13 -15.25 -29.29
CA ASP B 216 -7.91 -15.67 -29.95
C ASP B 216 -7.05 -14.44 -30.20
N VAL B 217 -5.87 -14.41 -29.58
CA VAL B 217 -5.04 -13.21 -29.62
C VAL B 217 -4.61 -12.90 -31.04
N ARG B 218 -4.21 -13.92 -31.80
CA ARG B 218 -3.76 -13.68 -33.17
C ARG B 218 -4.92 -13.27 -34.06
N GLU B 219 -5.92 -14.14 -34.22
CA GLU B 219 -7.12 -13.83 -34.99
C GLU B 219 -8.14 -13.26 -34.02
N GLY B 220 -8.18 -11.94 -33.90
CA GLY B 220 -8.98 -11.30 -32.89
C GLY B 220 -10.47 -11.46 -33.07
N MET B 221 -11.08 -12.29 -32.23
CA MET B 221 -12.51 -12.53 -32.24
C MET B 221 -12.85 -13.36 -31.01
N CYS B 222 -14.12 -13.31 -30.61
CA CYS B 222 -14.60 -14.07 -29.46
C CYS B 222 -14.86 -15.50 -29.90
N ARG B 223 -13.97 -16.42 -29.49
CA ARG B 223 -14.15 -17.82 -29.84
C ARG B 223 -15.36 -18.42 -29.12
N GLN B 224 -15.46 -18.19 -27.81
CA GLN B 224 -16.51 -18.79 -27.00
C GLN B 224 -17.01 -17.76 -25.99
N THR B 225 -18.29 -17.91 -25.62
CA THR B 225 -18.88 -17.08 -24.59
C THR B 225 -19.47 -17.98 -23.51
N PHE B 226 -19.26 -17.61 -22.25
CA PHE B 226 -19.68 -18.40 -21.11
C PHE B 226 -20.52 -17.54 -20.19
N THR B 227 -21.72 -18.02 -19.89
CA THR B 227 -22.65 -17.36 -18.98
C THR B 227 -22.92 -18.29 -17.79
N GLY B 228 -23.87 -17.89 -16.95
CA GLY B 228 -24.21 -18.61 -15.74
C GLY B 228 -24.10 -17.77 -14.48
N HIS B 229 -23.23 -16.77 -14.50
CA HIS B 229 -23.12 -15.86 -13.37
C HIS B 229 -24.35 -14.96 -13.29
N GLU B 230 -24.70 -14.57 -12.06
CA GLU B 230 -25.85 -13.72 -11.82
C GLU B 230 -25.49 -12.26 -11.64
N SER B 231 -24.21 -11.91 -11.73
CA SER B 231 -23.78 -10.54 -11.51
C SER B 231 -22.44 -10.34 -12.22
N ASP B 232 -21.79 -9.21 -11.93
CA ASP B 232 -20.56 -8.84 -12.63
C ASP B 232 -19.42 -9.76 -12.25
N ILE B 233 -18.72 -10.29 -13.26
CA ILE B 233 -17.53 -11.10 -13.03
C ILE B 233 -16.38 -10.16 -12.67
N ASN B 234 -15.84 -10.31 -11.47
CA ASN B 234 -14.78 -9.43 -11.02
C ASN B 234 -13.39 -10.00 -11.29
N ALA B 235 -13.25 -11.32 -11.28
CA ALA B 235 -11.96 -11.96 -11.47
C ALA B 235 -12.10 -13.14 -12.41
N ILE B 236 -11.03 -13.40 -13.15
CA ILE B 236 -10.95 -14.56 -14.03
C ILE B 236 -9.54 -15.12 -13.93
N CYS B 237 -9.44 -16.44 -13.88
CA CYS B 237 -8.16 -17.11 -13.80
C CYS B 237 -8.19 -18.36 -14.66
N PHE B 238 -7.05 -18.71 -15.22
CA PHE B 238 -6.93 -19.79 -16.19
C PHE B 238 -6.38 -21.03 -15.51
N PHE B 239 -7.04 -22.16 -15.71
CA PHE B 239 -6.58 -23.42 -15.15
C PHE B 239 -5.20 -23.75 -15.71
N PRO B 240 -4.30 -24.30 -14.90
CA PRO B 240 -2.94 -24.57 -15.39
C PRO B 240 -2.89 -25.35 -16.69
N ASN B 241 -3.82 -26.28 -16.90
CA ASN B 241 -3.87 -27.04 -18.14
C ASN B 241 -4.10 -26.11 -19.33
N GLY B 242 -4.89 -25.06 -19.14
CA GLY B 242 -5.23 -24.16 -20.22
C GLY B 242 -6.50 -24.49 -20.96
N ASN B 243 -7.18 -25.58 -20.59
CA ASN B 243 -8.45 -25.95 -21.18
C ASN B 243 -9.64 -25.56 -20.31
N ALA B 244 -9.40 -24.90 -19.19
CA ALA B 244 -10.48 -24.50 -18.29
C ALA B 244 -10.09 -23.21 -17.60
N PHE B 245 -11.09 -22.53 -17.04
CA PHE B 245 -10.85 -21.28 -16.34
C PHE B 245 -11.91 -21.06 -15.29
N ALA B 246 -11.51 -20.49 -14.16
CA ALA B 246 -12.41 -20.18 -13.06
C ALA B 246 -12.64 -18.68 -13.01
N THR B 247 -13.92 -18.29 -12.93
CA THR B 247 -14.32 -16.90 -12.88
C THR B 247 -15.16 -16.67 -11.64
N GLY B 248 -14.81 -15.66 -10.86
CA GLY B 248 -15.54 -15.29 -9.66
C GLY B 248 -16.28 -13.98 -9.87
N SER B 249 -17.50 -13.91 -9.37
CA SER B 249 -18.31 -12.72 -9.54
C SER B 249 -18.70 -12.16 -8.17
N ASP B 250 -19.22 -10.93 -8.18
CA ASP B 250 -19.70 -10.33 -6.96
C ASP B 250 -21.11 -10.80 -6.63
N ASP B 251 -21.33 -12.11 -6.73
CA ASP B 251 -22.55 -12.77 -6.31
C ASP B 251 -22.26 -13.93 -5.37
N ALA B 252 -21.12 -13.88 -4.67
CA ALA B 252 -20.70 -14.93 -3.76
C ALA B 252 -20.57 -16.28 -4.47
N THR B 253 -20.09 -16.25 -5.71
CA THR B 253 -19.97 -17.48 -6.48
C THR B 253 -18.77 -17.41 -7.41
N CYS B 254 -17.99 -18.48 -7.44
CA CYS B 254 -17.03 -18.76 -8.49
C CYS B 254 -17.53 -19.93 -9.31
N ARG B 255 -17.12 -19.99 -10.57
CA ARG B 255 -17.53 -21.10 -11.44
C ARG B 255 -16.35 -21.51 -12.30
N LEU B 256 -16.29 -22.81 -12.60
CA LEU B 256 -15.27 -23.37 -13.47
C LEU B 256 -15.90 -23.70 -14.82
N PHE B 257 -15.37 -23.11 -15.88
CA PHE B 257 -15.85 -23.34 -17.24
C PHE B 257 -14.77 -24.05 -18.04
N ASP B 258 -15.16 -25.08 -18.78
CA ASP B 258 -14.26 -25.77 -19.70
C ASP B 258 -14.46 -25.21 -21.10
N LEU B 259 -13.35 -24.89 -21.77
CA LEU B 259 -13.46 -24.39 -23.14
C LEU B 259 -13.98 -25.46 -24.08
N ARG B 260 -13.62 -26.73 -23.85
CA ARG B 260 -14.07 -27.80 -24.73
C ARG B 260 -15.54 -28.13 -24.51
N ALA B 261 -15.99 -28.19 -23.26
CA ALA B 261 -17.40 -28.42 -23.00
C ALA B 261 -18.25 -27.17 -23.18
N ASP B 262 -17.62 -25.99 -23.17
CA ASP B 262 -18.30 -24.72 -23.42
C ASP B 262 -19.43 -24.48 -22.42
N GLN B 263 -19.22 -24.87 -21.18
CA GLN B 263 -20.24 -24.67 -20.16
C GLN B 263 -19.59 -24.73 -18.78
N GLU B 264 -20.35 -24.31 -17.78
CA GLU B 264 -19.92 -24.41 -16.40
C GLU B 264 -19.79 -25.86 -15.97
N LEU B 265 -18.72 -26.17 -15.24
CA LEU B 265 -18.50 -27.52 -14.71
C LEU B 265 -18.83 -27.62 -13.24
N MET B 266 -18.29 -26.72 -12.42
CA MET B 266 -18.58 -26.68 -10.99
C MET B 266 -18.86 -25.25 -10.56
N THR B 267 -19.68 -25.10 -9.53
CA THR B 267 -20.00 -23.81 -8.93
C THR B 267 -19.58 -23.84 -7.46
N TYR B 268 -18.61 -23.00 -7.11
CA TYR B 268 -18.13 -22.87 -5.74
C TYR B 268 -18.88 -21.72 -5.07
N SER B 269 -19.68 -22.06 -4.06
CA SER B 269 -20.44 -21.09 -3.31
C SER B 269 -20.80 -21.69 -1.96
N HIS B 270 -21.18 -20.83 -1.01
CA HIS B 270 -21.55 -21.26 0.31
C HIS B 270 -22.71 -20.40 0.81
N ASP B 271 -23.56 -21.02 1.64
CA ASP B 271 -24.69 -20.28 2.20
C ASP B 271 -24.24 -19.22 3.20
N ASN B 272 -23.07 -19.42 3.82
CA ASN B 272 -22.53 -18.47 4.78
C ASN B 272 -21.77 -17.33 4.13
N ILE B 273 -21.65 -17.33 2.81
CA ILE B 273 -20.92 -16.32 2.07
C ILE B 273 -21.92 -15.45 1.32
N ILE B 274 -21.96 -14.16 1.65
CA ILE B 274 -22.80 -13.19 0.98
C ILE B 274 -22.01 -12.07 0.33
N CYS B 275 -20.69 -12.07 0.47
CA CYS B 275 -19.84 -11.04 -0.09
C CYS B 275 -19.63 -11.32 -1.58
N GLY B 276 -18.69 -10.62 -2.19
CA GLY B 276 -18.37 -10.81 -3.60
C GLY B 276 -16.90 -11.14 -3.77
N ILE B 277 -16.60 -11.97 -4.75
CA ILE B 277 -15.22 -12.32 -5.05
C ILE B 277 -14.55 -11.18 -5.79
N THR B 278 -13.37 -10.77 -5.33
CA THR B 278 -12.61 -9.70 -5.95
C THR B 278 -11.49 -10.21 -6.84
N SER B 279 -10.81 -11.29 -6.45
CA SER B 279 -9.74 -11.85 -7.25
C SER B 279 -9.68 -13.36 -7.04
N VAL B 280 -9.26 -14.07 -8.08
CA VAL B 280 -9.26 -15.53 -8.12
C VAL B 280 -7.94 -16.02 -8.70
N SER B 281 -7.36 -17.04 -8.09
CA SER B 281 -6.14 -17.65 -8.57
C SER B 281 -6.23 -19.17 -8.46
N PHE B 282 -5.46 -19.86 -9.27
CA PHE B 282 -5.38 -21.31 -9.28
C PHE B 282 -4.01 -21.76 -8.80
N SER B 283 -3.98 -22.84 -8.03
CA SER B 283 -2.71 -23.44 -7.64
C SER B 283 -2.03 -24.04 -8.87
N LYS B 284 -0.75 -24.39 -8.70
CA LYS B 284 0.02 -24.91 -9.82
C LYS B 284 -0.58 -26.22 -10.33
N SER B 285 -0.99 -27.09 -9.42
CA SER B 285 -1.63 -28.35 -9.82
C SER B 285 -3.06 -28.15 -10.30
N GLY B 286 -3.69 -27.04 -9.94
CA GLY B 286 -5.08 -26.81 -10.27
C GLY B 286 -6.07 -27.47 -9.33
N ARG B 287 -5.59 -28.17 -8.31
CA ARG B 287 -6.50 -28.80 -7.36
C ARG B 287 -7.13 -27.78 -6.43
N LEU B 288 -6.43 -26.70 -6.14
CA LEU B 288 -6.91 -25.67 -5.23
C LEU B 288 -7.26 -24.41 -6.01
N LEU B 289 -8.43 -23.85 -5.71
CA LEU B 289 -8.85 -22.57 -6.24
C LEU B 289 -8.91 -21.57 -5.11
N LEU B 290 -8.06 -20.55 -5.17
CA LEU B 290 -7.98 -19.54 -4.12
C LEU B 290 -8.73 -18.30 -4.59
N ALA B 291 -9.80 -17.94 -3.87
CA ALA B 291 -10.64 -16.81 -4.23
C ALA B 291 -10.67 -15.82 -3.08
N GLY B 292 -10.27 -14.58 -3.35
CA GLY B 292 -10.38 -13.55 -2.35
C GLY B 292 -11.76 -12.94 -2.34
N TYR B 293 -12.35 -12.75 -1.17
CA TYR B 293 -13.71 -12.26 -1.06
C TYR B 293 -13.70 -10.85 -0.47
N ASP B 294 -14.89 -10.27 -0.31
CA ASP B 294 -15.06 -8.97 0.32
C ASP B 294 -15.16 -9.06 1.84
N ASP B 295 -15.21 -10.27 2.39
CA ASP B 295 -15.35 -10.46 3.83
C ASP B 295 -14.01 -10.43 4.56
N PHE B 296 -12.99 -9.81 3.94
CA PHE B 296 -11.66 -9.58 4.48
C PHE B 296 -10.80 -10.83 4.50
N ASN B 297 -11.28 -11.96 3.97
CA ASN B 297 -10.51 -13.19 3.98
C ASN B 297 -10.70 -13.94 2.67
N CYS B 298 -9.66 -14.67 2.27
CA CYS B 298 -9.71 -15.51 1.08
C CYS B 298 -10.15 -16.92 1.46
N ASN B 299 -10.65 -17.64 0.46
CA ASN B 299 -11.13 -19.01 0.66
C ASN B 299 -10.41 -19.93 -0.31
N VAL B 300 -9.93 -21.05 0.21
CA VAL B 300 -9.30 -22.10 -0.57
C VAL B 300 -10.34 -23.19 -0.80
N TRP B 301 -10.68 -23.41 -2.07
CA TRP B 301 -11.72 -24.33 -2.49
C TRP B 301 -11.07 -25.53 -3.18
N ASP B 302 -11.67 -26.71 -2.96
CA ASP B 302 -11.27 -27.89 -3.73
C ASP B 302 -11.86 -27.77 -5.13
N ALA B 303 -10.99 -27.49 -6.11
CA ALA B 303 -11.47 -27.22 -7.46
C ALA B 303 -12.15 -28.43 -8.10
N LEU B 304 -11.94 -29.63 -7.55
CA LEU B 304 -12.52 -30.83 -8.11
C LEU B 304 -13.71 -31.35 -7.31
N LYS B 305 -13.99 -30.78 -6.14
CA LYS B 305 -15.08 -31.25 -5.29
C LYS B 305 -16.02 -30.16 -4.80
N ALA B 306 -15.73 -28.88 -5.06
CA ALA B 306 -16.54 -27.76 -4.58
C ALA B 306 -16.66 -27.76 -3.07
N ASP B 307 -15.65 -28.25 -2.38
CA ASP B 307 -15.61 -28.26 -0.92
C ASP B 307 -14.55 -27.27 -0.45
N ARG B 308 -14.95 -26.36 0.42
CA ARG B 308 -14.02 -25.40 0.98
C ARG B 308 -12.91 -26.13 1.73
N ALA B 309 -11.66 -25.82 1.39
CA ALA B 309 -10.52 -26.51 1.97
C ALA B 309 -9.74 -25.64 2.94
N GLY B 310 -9.96 -24.33 2.95
CA GLY B 310 -9.27 -23.49 3.90
C GLY B 310 -9.67 -22.03 3.90
N VAL B 311 -9.25 -21.28 4.90
CA VAL B 311 -9.53 -19.85 5.00
C VAL B 311 -8.22 -19.13 5.25
N LEU B 312 -7.91 -18.14 4.41
CA LEU B 312 -6.72 -17.32 4.58
C LEU B 312 -7.06 -16.03 5.31
N ALA B 313 -7.62 -16.19 6.50
CA ALA B 313 -7.95 -15.05 7.34
C ALA B 313 -6.68 -14.37 7.83
N GLY B 314 -6.77 -13.07 8.06
CA GLY B 314 -5.62 -12.31 8.52
C GLY B 314 -5.55 -10.91 7.96
N HIS B 315 -6.43 -10.60 7.01
CA HIS B 315 -6.48 -9.29 6.39
C HIS B 315 -7.57 -8.45 7.04
N ASP B 316 -7.23 -7.23 7.43
CA ASP B 316 -8.16 -6.37 8.14
C ASP B 316 -9.18 -5.70 7.23
N ASN B 317 -8.95 -5.69 5.92
CA ASN B 317 -9.85 -5.06 4.97
C ASN B 317 -10.09 -6.00 3.80
N ARG B 318 -10.85 -5.53 2.82
CA ARG B 318 -11.23 -6.35 1.68
C ARG B 318 -10.01 -6.81 0.90
N VAL B 319 -9.98 -8.10 0.57
CA VAL B 319 -8.91 -8.65 -0.25
C VAL B 319 -9.13 -8.22 -1.69
N SER B 320 -8.18 -7.50 -2.25
CA SER B 320 -8.30 -6.99 -3.62
C SER B 320 -7.72 -7.93 -4.65
N CYS B 321 -6.52 -8.47 -4.40
CA CYS B 321 -5.86 -9.35 -5.35
C CYS B 321 -5.22 -10.51 -4.61
N LEU B 322 -5.14 -11.66 -5.29
CA LEU B 322 -4.30 -12.73 -4.80
C LEU B 322 -3.76 -13.50 -6.00
N GLY B 323 -2.50 -13.91 -5.90
CA GLY B 323 -1.84 -14.60 -6.98
C GLY B 323 -0.87 -15.68 -6.53
N VAL B 324 -0.84 -16.78 -7.26
CA VAL B 324 0.03 -17.90 -6.95
C VAL B 324 1.34 -17.71 -7.69
N THR B 325 2.43 -18.19 -7.09
CA THR B 325 3.73 -18.14 -7.75
C THR B 325 3.73 -19.07 -8.96
N ASP B 326 4.66 -18.78 -9.89
CA ASP B 326 4.78 -19.61 -11.08
C ASP B 326 5.15 -21.04 -10.73
N ASP B 327 6.02 -21.21 -9.74
CA ASP B 327 6.38 -22.54 -9.26
C ASP B 327 5.42 -23.07 -8.21
N GLY B 328 4.38 -22.32 -7.88
CA GLY B 328 3.41 -22.76 -6.89
C GLY B 328 3.88 -22.73 -5.46
N MET B 329 5.01 -22.07 -5.20
CA MET B 329 5.58 -22.06 -3.85
C MET B 329 4.62 -21.41 -2.86
N ALA B 330 4.33 -20.13 -3.04
CA ALA B 330 3.56 -19.37 -2.07
C ALA B 330 2.51 -18.54 -2.79
N VAL B 331 1.44 -18.22 -2.06
CA VAL B 331 0.40 -17.31 -2.53
C VAL B 331 0.71 -15.93 -1.99
N ALA B 332 0.32 -14.91 -2.75
CA ALA B 332 0.39 -13.52 -2.28
C ALA B 332 -1.02 -12.97 -2.29
N THR B 333 -1.30 -12.08 -1.34
CA THR B 333 -2.64 -11.50 -1.19
C THR B 333 -2.48 -10.04 -0.79
N GLY B 334 -2.99 -9.15 -1.64
CA GLY B 334 -3.01 -7.72 -1.35
C GLY B 334 -4.44 -7.26 -1.09
N SER B 335 -4.62 -6.62 0.04
CA SER B 335 -5.94 -6.17 0.50
C SER B 335 -5.96 -4.65 0.59
N TRP B 336 -7.11 -4.13 1.00
CA TRP B 336 -7.28 -2.69 1.16
C TRP B 336 -6.61 -2.16 2.41
N ASP B 337 -6.10 -3.02 3.28
CA ASP B 337 -5.38 -2.60 4.48
C ASP B 337 -3.93 -2.22 4.19
N SER B 338 -3.60 -2.02 2.91
CA SER B 338 -2.25 -1.62 2.50
C SER B 338 -1.21 -2.67 2.87
N PHE B 339 -1.60 -3.94 2.94
CA PHE B 339 -0.72 -5.02 3.35
C PHE B 339 -0.67 -6.09 2.28
N LEU B 340 0.53 -6.57 1.97
CA LEU B 340 0.73 -7.78 1.18
C LEU B 340 1.11 -8.92 2.10
N LYS B 341 0.36 -10.02 2.05
CA LYS B 341 0.61 -11.18 2.88
C LYS B 341 0.94 -12.37 2.00
N ILE B 342 2.02 -13.07 2.35
CA ILE B 342 2.46 -14.26 1.62
C ILE B 342 2.10 -15.48 2.47
N TRP B 343 1.54 -16.49 1.84
CA TRP B 343 1.03 -17.68 2.51
C TRP B 343 1.66 -18.92 1.91
N ASN B 344 1.93 -19.92 2.75
CA ASN B 344 2.53 -21.16 2.30
C ASN B 344 1.70 -22.36 2.73
N ALA C 7 -27.24 1.40 -39.29
CA ALA C 7 -27.73 1.66 -37.94
C ALA C 7 -27.61 0.41 -37.08
N SER C 8 -28.67 0.13 -36.30
CA SER C 8 -28.67 -1.04 -35.44
C SER C 8 -28.74 -2.35 -36.24
N ILE C 9 -29.09 -2.27 -37.52
CA ILE C 9 -29.12 -3.48 -38.36
C ILE C 9 -27.73 -4.08 -38.47
N ALA C 10 -26.71 -3.24 -38.61
CA ALA C 10 -25.34 -3.73 -38.67
C ALA C 10 -24.94 -4.41 -37.36
N GLN C 11 -25.31 -3.83 -36.22
CA GLN C 11 -25.02 -4.46 -34.94
C GLN C 11 -25.72 -5.79 -34.80
N ALA C 12 -26.98 -5.86 -35.23
CA ALA C 12 -27.72 -7.13 -35.18
C ALA C 12 -27.08 -8.17 -36.08
N ARG C 13 -26.64 -7.78 -37.27
CA ARG C 13 -26.00 -8.71 -38.18
C ARG C 13 -24.68 -9.22 -37.59
N LYS C 14 -23.90 -8.33 -36.98
CA LYS C 14 -22.65 -8.74 -36.36
C LYS C 14 -22.90 -9.70 -35.20
N LEU C 15 -23.92 -9.41 -34.38
CA LEU C 15 -24.27 -10.30 -33.29
C LEU C 15 -24.69 -11.67 -33.80
N VAL C 16 -25.47 -11.70 -34.88
CA VAL C 16 -25.91 -12.97 -35.45
C VAL C 16 -24.72 -13.74 -36.00
N GLU C 17 -23.80 -13.05 -36.67
CA GLU C 17 -22.62 -13.72 -37.20
C GLU C 17 -21.76 -14.30 -36.09
N GLN C 18 -21.56 -13.54 -35.01
CA GLN C 18 -20.78 -14.04 -33.87
C GLN C 18 -21.46 -15.24 -33.23
N LEU C 19 -22.79 -15.19 -33.09
CA LEU C 19 -23.53 -16.30 -32.52
C LEU C 19 -23.42 -17.54 -33.39
N LYS C 20 -23.48 -17.36 -34.71
CA LYS C 20 -23.30 -18.48 -35.63
C LYS C 20 -21.90 -19.06 -35.50
N MET C 21 -20.89 -18.20 -35.34
CA MET C 21 -19.53 -18.68 -35.17
C MET C 21 -19.38 -19.48 -33.88
N GLU C 22 -20.03 -19.04 -32.80
CA GLU C 22 -19.94 -19.75 -31.54
C GLU C 22 -20.77 -21.02 -31.51
N ALA C 23 -21.73 -21.17 -32.42
CA ALA C 23 -22.61 -22.34 -32.46
C ALA C 23 -22.02 -23.48 -33.29
N ASN C 24 -20.85 -23.29 -33.88
CA ASN C 24 -20.26 -24.31 -34.74
C ASN C 24 -18.92 -24.77 -34.20
N ILE C 25 -18.85 -25.04 -32.90
CA ILE C 25 -17.62 -25.43 -32.22
C ILE C 25 -17.75 -26.87 -31.76
N ASP C 26 -16.76 -27.70 -32.08
CA ASP C 26 -16.76 -29.09 -31.66
C ASP C 26 -16.69 -29.19 -30.14
N ARG C 27 -17.77 -29.69 -29.53
CA ARG C 27 -17.91 -29.70 -28.08
C ARG C 27 -17.76 -31.12 -27.57
N ILE C 28 -16.88 -31.30 -26.58
CA ILE C 28 -16.66 -32.60 -25.97
C ILE C 28 -17.63 -32.77 -24.81
N LYS C 29 -17.82 -34.01 -24.39
CA LYS C 29 -18.71 -34.29 -23.27
C LYS C 29 -18.10 -33.82 -21.96
N VAL C 30 -18.97 -33.53 -20.99
CA VAL C 30 -18.52 -33.09 -19.68
C VAL C 30 -17.72 -34.18 -19.00
N SER C 31 -18.05 -35.44 -19.26
CA SER C 31 -17.29 -36.54 -18.67
C SER C 31 -15.83 -36.49 -19.09
N LYS C 32 -15.58 -36.26 -20.38
CA LYS C 32 -14.20 -36.18 -20.86
C LYS C 32 -13.46 -35.01 -20.26
N ALA C 33 -14.12 -33.85 -20.16
CA ALA C 33 -13.47 -32.68 -19.58
C ALA C 33 -13.13 -32.90 -18.11
N ALA C 34 -14.07 -33.48 -17.36
CA ALA C 34 -13.82 -33.76 -15.95
C ALA C 34 -12.70 -34.78 -15.79
N ALA C 35 -12.68 -35.80 -16.64
CA ALA C 35 -11.61 -36.79 -16.58
C ALA C 35 -10.26 -36.17 -16.88
N ASP C 36 -10.21 -35.27 -17.87
CA ASP C 36 -8.94 -34.62 -18.21
C ASP C 36 -8.47 -33.70 -17.09
N LEU C 37 -9.39 -32.95 -16.48
CA LEU C 37 -9.01 -32.09 -15.37
C LEU C 37 -8.53 -32.92 -14.18
N MET C 38 -9.22 -34.03 -13.90
CA MET C 38 -8.80 -34.92 -12.83
C MET C 38 -7.41 -35.51 -13.12
N ALA C 39 -7.17 -35.88 -14.37
CA ALA C 39 -5.87 -36.43 -14.73
C ALA C 39 -4.77 -35.39 -14.56
N TYR C 40 -5.03 -34.15 -14.95
CA TYR C 40 -4.05 -33.10 -14.75
C TYR C 40 -3.79 -32.85 -13.27
N CYS C 41 -4.84 -32.84 -12.46
CA CYS C 41 -4.66 -32.61 -11.03
C CYS C 41 -3.91 -33.75 -10.37
N GLU C 42 -4.18 -35.00 -10.79
CA GLU C 42 -3.52 -36.15 -10.17
C GLU C 42 -2.08 -36.31 -10.64
N ALA C 43 -1.80 -36.00 -11.92
CA ALA C 43 -0.45 -36.12 -12.42
C ALA C 43 0.49 -35.15 -11.72
N HIS C 44 0.04 -33.91 -11.52
CA HIS C 44 0.82 -32.93 -10.77
C HIS C 44 0.45 -32.93 -9.29
N ALA C 45 0.47 -34.12 -8.69
CA ALA C 45 0.14 -34.24 -7.27
C ALA C 45 1.31 -33.83 -6.40
N LYS C 46 2.44 -34.51 -6.54
CA LYS C 46 3.65 -34.19 -5.78
C LYS C 46 4.48 -33.12 -6.49
N GLU C 47 3.81 -32.08 -6.96
CA GLU C 47 4.49 -30.95 -7.58
C GLU C 47 3.87 -29.61 -7.19
N ASP C 48 2.89 -29.59 -6.29
CA ASP C 48 2.24 -28.36 -5.88
C ASP C 48 2.61 -28.05 -4.43
N PRO C 49 3.43 -27.02 -4.18
CA PRO C 49 3.78 -26.71 -2.79
C PRO C 49 2.68 -25.95 -2.07
N LEU C 50 1.43 -26.38 -2.26
CA LEU C 50 0.30 -25.90 -1.48
C LEU C 50 -0.63 -27.01 -1.03
N LEU C 51 -0.64 -28.15 -1.70
CA LEU C 51 -1.44 -29.30 -1.25
C LEU C 51 -0.70 -30.06 -0.16
N THR C 52 0.53 -30.47 -0.44
CA THR C 52 1.38 -31.13 0.54
C THR C 52 2.34 -30.11 1.13
N PRO C 53 2.28 -29.82 2.42
CA PRO C 53 3.17 -28.81 3.01
C PRO C 53 4.65 -29.15 2.81
N VAL C 54 5.34 -28.34 2.04
CA VAL C 54 6.77 -28.56 1.78
C VAL C 54 7.55 -28.34 3.07
N PRO C 55 8.52 -29.19 3.40
CA PRO C 55 9.30 -29.00 4.62
C PRO C 55 10.12 -27.71 4.56
N ALA C 56 10.48 -27.20 5.74
CA ALA C 56 11.19 -25.94 5.84
C ALA C 56 12.56 -25.98 5.14
N SER C 57 13.09 -27.18 4.89
CA SER C 57 14.36 -27.27 4.18
C SER C 57 14.25 -26.72 2.77
N GLU C 58 13.16 -27.02 2.07
CA GLU C 58 12.94 -26.52 0.72
C GLU C 58 12.01 -25.31 0.68
N ASN C 59 11.25 -25.06 1.73
CA ASN C 59 10.37 -23.90 1.77
C ASN C 59 11.20 -22.64 1.93
N PRO C 60 11.13 -21.69 1.00
CA PRO C 60 11.95 -20.47 1.10
C PRO C 60 11.31 -19.33 1.87
N PHE C 61 10.23 -19.56 2.62
CA PHE C 61 9.60 -18.51 3.39
C PHE C 61 9.58 -18.86 4.88
N SER D 292 -9.88 -0.28 53.85
CA SER D 292 -10.08 -1.46 53.02
C SER D 292 -10.83 -1.11 51.74
N ILE D 293 -11.67 -0.08 51.82
CA ILE D 293 -12.40 0.38 50.64
C ILE D 293 -11.44 0.92 49.60
N SER D 294 -10.40 1.63 50.05
CA SER D 294 -9.40 2.16 49.12
C SER D 294 -8.70 1.03 48.37
N TYR D 295 -8.33 -0.04 49.08
CA TYR D 295 -7.69 -1.17 48.44
C TYR D 295 -8.61 -1.80 47.40
N VAL D 296 -9.88 -1.97 47.73
CA VAL D 296 -10.82 -2.60 46.80
C VAL D 296 -10.97 -1.74 45.55
N GLY D 297 -11.18 -0.44 45.72
CA GLY D 297 -11.37 0.43 44.57
C GLY D 297 -10.14 0.50 43.69
N CYS D 298 -8.97 0.65 44.30
CA CYS D 298 -7.76 0.75 43.50
C CYS D 298 -7.39 -0.58 42.85
N SER D 299 -7.71 -1.71 43.49
CA SER D 299 -7.50 -2.99 42.84
C SER D 299 -8.43 -3.16 41.65
N LEU D 300 -9.67 -2.71 41.77
CA LEU D 300 -10.56 -2.70 40.61
C LEU D 300 -9.97 -1.85 39.50
N SER D 301 -9.42 -0.69 39.85
CA SER D 301 -8.83 0.19 38.85
C SER D 301 -7.65 -0.48 38.15
N VAL D 302 -6.76 -1.12 38.91
CA VAL D 302 -5.59 -1.74 38.30
C VAL D 302 -5.99 -2.94 37.44
N LEU D 303 -7.00 -3.70 37.88
CA LEU D 303 -7.48 -4.81 37.07
C LEU D 303 -8.06 -4.31 35.75
N CYS D 304 -8.86 -3.25 35.81
CA CYS D 304 -9.43 -2.68 34.58
C CYS D 304 -8.34 -2.15 33.67
N LEU D 305 -7.32 -1.49 34.24
CA LEU D 305 -6.23 -0.97 33.42
C LEU D 305 -5.42 -2.08 32.79
N VAL D 306 -5.19 -3.18 33.53
CA VAL D 306 -4.49 -4.33 32.96
C VAL D 306 -5.30 -4.92 31.81
N ALA D 307 -6.62 -5.02 31.99
CA ALA D 307 -7.47 -5.51 30.90
C ALA D 307 -7.38 -4.60 29.69
N THR D 308 -7.40 -3.29 29.90
CA THR D 308 -7.28 -2.36 28.78
C THR D 308 -5.95 -2.52 28.06
N LEU D 309 -4.86 -2.64 28.82
CA LEU D 309 -3.54 -2.76 28.22
C LEU D 309 -3.39 -4.07 27.45
N VAL D 310 -3.88 -5.17 28.00
CA VAL D 310 -3.78 -6.45 27.28
C VAL D 310 -4.67 -6.44 26.05
N THR D 311 -5.84 -5.78 26.12
CA THR D 311 -6.67 -5.66 24.92
C THR D 311 -5.97 -4.84 23.85
N PHE D 312 -5.32 -3.74 24.24
CA PHE D 312 -4.57 -2.95 23.27
C PHE D 312 -3.44 -3.76 22.65
N ALA D 313 -2.71 -4.54 23.48
CA ALA D 313 -1.64 -5.36 22.96
C ALA D 313 -2.17 -6.42 21.99
N VAL D 314 -3.31 -7.03 22.31
CA VAL D 314 -3.88 -8.05 21.45
C VAL D 314 -4.32 -7.45 20.12
N LEU D 315 -5.00 -6.30 20.17
CA LEU D 315 -5.59 -5.70 18.98
C LEU D 315 -4.66 -4.72 18.28
N SER D 316 -3.39 -4.63 18.71
CA SER D 316 -2.44 -3.76 18.04
C SER D 316 -2.21 -4.15 16.58
N SER D 317 -2.56 -5.37 16.18
CA SER D 317 -2.41 -5.76 14.79
C SER D 317 -3.39 -5.03 13.88
N VAL D 318 -4.54 -4.60 14.41
CA VAL D 318 -5.55 -3.93 13.61
C VAL D 318 -5.12 -2.49 13.36
N SER D 319 -5.38 -2.00 12.15
CA SER D 319 -4.97 -0.65 11.78
C SER D 319 -5.73 0.42 12.56
N THR D 320 -6.99 0.16 12.90
CA THR D 320 -7.77 1.13 13.64
C THR D 320 -7.24 1.36 15.04
N ILE D 321 -6.64 0.32 15.65
CA ILE D 321 -6.17 0.39 17.03
C ILE D 321 -4.68 0.70 16.98
N ARG D 322 -4.20 1.19 15.84
CA ARG D 322 -2.78 1.42 15.62
C ARG D 322 -2.52 2.84 15.17
N ASN D 323 -3.09 3.81 15.88
CA ASN D 323 -2.83 5.22 15.63
C ASN D 323 -2.32 5.89 16.90
N GLN D 324 -2.14 7.20 16.83
CA GLN D 324 -1.60 7.94 17.97
C GLN D 324 -2.56 7.93 19.16
N ARG D 325 -3.86 7.78 18.92
CA ARG D 325 -4.84 7.83 19.99
C ARG D 325 -4.61 6.70 20.99
N TYR D 326 -4.44 5.47 20.50
CA TYR D 326 -4.26 4.33 21.39
C TYR D 326 -2.84 4.23 21.94
N HIS D 327 -1.87 4.90 21.33
CA HIS D 327 -0.57 5.05 21.97
C HIS D 327 -0.70 5.84 23.26
N ILE D 328 -1.41 6.96 23.21
CA ILE D 328 -1.61 7.76 24.41
C ILE D 328 -2.51 7.04 25.40
N HIS D 329 -3.53 6.33 24.90
CA HIS D 329 -4.40 5.58 25.78
C HIS D 329 -3.63 4.48 26.50
N ALA D 330 -2.73 3.79 25.79
CA ALA D 330 -1.93 2.75 26.43
C ALA D 330 -0.92 3.35 27.40
N ASN D 331 -0.24 4.42 27.00
CA ASN D 331 0.73 5.05 27.89
C ASN D 331 0.07 5.61 29.13
N LEU D 332 -1.09 6.26 28.97
CA LEU D 332 -1.83 6.74 30.13
C LEU D 332 -2.28 5.59 31.02
N SER D 333 -2.77 4.51 30.41
CA SER D 333 -3.16 3.34 31.19
C SER D 333 -1.96 2.73 31.91
N PHE D 334 -0.83 2.65 31.22
CA PHE D 334 0.39 2.15 31.85
C PHE D 334 0.82 3.06 33.00
N ALA D 335 0.80 4.38 32.76
CA ALA D 335 1.25 5.32 33.78
C ALA D 335 0.40 5.23 35.04
N VAL D 336 -0.93 5.19 34.88
CA VAL D 336 -1.81 5.06 36.04
C VAL D 336 -1.61 3.70 36.70
N LEU D 337 -1.35 2.67 35.91
CA LEU D 337 -1.14 1.32 36.46
C LEU D 337 0.04 1.31 37.42
N VAL D 338 1.15 1.92 37.03
CA VAL D 338 2.36 1.91 37.86
C VAL D 338 2.27 3.05 38.86
N ALA D 339 1.25 3.88 38.75
CA ALA D 339 0.99 4.90 39.77
C ALA D 339 -0.07 4.45 40.75
N GLN D 340 -0.60 3.24 40.59
CA GLN D 340 -1.61 2.69 41.48
C GLN D 340 -1.14 1.41 42.17
N VAL D 341 -0.45 0.53 41.46
CA VAL D 341 0.13 -0.65 42.11
C VAL D 341 1.26 -0.22 43.04
N LEU D 342 1.96 0.87 42.69
CA LEU D 342 2.97 1.43 43.57
C LEU D 342 2.37 2.23 44.69
N LEU D 343 1.04 2.35 44.73
CA LEU D 343 0.35 2.94 45.84
C LEU D 343 -0.32 1.91 46.75
N LEU D 344 -0.70 0.74 46.22
CA LEU D 344 -1.27 -0.31 47.05
C LEU D 344 -0.22 -0.88 48.00
N ILE D 345 0.96 -1.18 47.48
CA ILE D 345 2.01 -1.79 48.29
C ILE D 345 2.78 -0.66 48.97
N SER D 346 2.31 0.57 48.79
CA SER D 346 2.83 1.72 49.52
C SER D 346 2.04 1.91 50.79
N PHE D 347 0.81 1.37 50.82
CA PHE D 347 0.06 1.34 52.06
C PHE D 347 0.77 0.54 53.13
N ARG D 348 1.31 -0.61 52.76
CA ARG D 348 2.06 -1.47 53.67
C ARG D 348 3.52 -1.48 53.25
N LEU D 349 4.28 -0.51 53.75
CA LEU D 349 5.72 -0.42 53.51
C LEU D 349 6.27 0.44 54.63
N GLU D 350 7.27 -0.09 55.34
CA GLU D 350 7.83 0.51 56.55
C GLU D 350 8.15 2.00 56.36
N PRO D 351 7.42 2.88 57.04
CA PRO D 351 7.68 4.32 56.91
C PRO D 351 9.04 4.70 57.48
N GLY D 352 9.61 5.75 56.90
CA GLY D 352 10.89 6.27 57.36
C GLY D 352 12.11 5.52 56.88
N THR D 353 11.93 4.48 56.07
CA THR D 353 13.04 3.69 55.57
C THR D 353 13.42 4.12 54.15
N THR D 354 14.57 3.63 53.70
CA THR D 354 14.98 3.88 52.32
C THR D 354 13.97 3.39 51.29
N PRO D 355 13.38 2.19 51.42
CA PRO D 355 12.32 1.82 50.48
C PRO D 355 11.17 2.82 50.46
N CYS D 356 10.82 3.37 51.61
CA CYS D 356 9.75 4.36 51.66
C CYS D 356 10.11 5.59 50.83
N GLN D 357 11.35 6.05 50.94
CA GLN D 357 11.76 7.24 50.18
C GLN D 357 11.81 6.97 48.68
N VAL D 358 12.42 5.85 48.29
CA VAL D 358 12.52 5.59 46.85
C VAL D 358 11.13 5.36 46.26
N MET D 359 10.23 4.72 47.01
CA MET D 359 8.87 4.57 46.52
C MET D 359 8.12 5.89 46.50
N ALA D 360 8.45 6.81 47.40
CA ALA D 360 7.89 8.15 47.30
C ALA D 360 8.29 8.79 45.98
N VAL D 361 9.57 8.70 45.62
CA VAL D 361 10.02 9.25 44.34
C VAL D 361 9.31 8.55 43.18
N LEU D 362 9.20 7.22 43.25
CA LEU D 362 8.59 6.48 42.16
C LEU D 362 7.11 6.84 42.00
N LEU D 363 6.39 6.93 43.12
CA LEU D 363 4.98 7.29 43.06
C LEU D 363 4.80 8.70 42.51
N HIS D 364 5.63 9.63 42.96
CA HIS D 364 5.55 10.99 42.43
C HIS D 364 5.77 11.00 40.93
N TYR D 365 6.82 10.32 40.47
CA TYR D 365 7.13 10.31 39.04
C TYR D 365 6.00 9.68 38.24
N PHE D 366 5.44 8.57 38.73
CA PHE D 366 4.44 7.86 37.95
C PHE D 366 3.11 8.61 37.93
N PHE D 367 2.71 9.20 39.05
CA PHE D 367 1.50 10.01 39.05
C PHE D 367 1.66 11.25 38.18
N LEU D 368 2.83 11.89 38.24
CA LEU D 368 3.08 13.06 37.41
C LEU D 368 3.08 12.68 35.93
N SER D 369 3.64 11.52 35.60
CA SER D 369 3.60 11.05 34.21
C SER D 369 2.18 10.74 33.79
N ALA D 370 1.36 10.21 34.70
CA ALA D 370 -0.04 9.98 34.39
C ALA D 370 -0.74 11.30 34.06
N PHE D 371 -0.49 12.33 34.86
CA PHE D 371 -1.13 13.62 34.61
C PHE D 371 -0.60 14.26 33.33
N ALA D 372 0.69 14.07 33.04
CA ALA D 372 1.25 14.58 31.78
C ALA D 372 0.62 13.88 30.59
N TRP D 373 0.35 12.57 30.71
CA TRP D 373 -0.33 11.86 29.65
C TRP D 373 -1.79 12.27 29.52
N MET D 374 -2.42 12.65 30.64
CA MET D 374 -3.74 13.25 30.54
C MET D 374 -3.70 14.56 29.78
N LEU D 375 -2.67 15.37 30.03
CA LEU D 375 -2.50 16.61 29.29
C LEU D 375 -2.26 16.33 27.81
N VAL D 376 -1.51 15.28 27.50
CA VAL D 376 -1.26 14.91 26.11
C VAL D 376 -2.56 14.43 25.46
N GLU D 377 -3.38 13.70 26.21
CA GLU D 377 -4.70 13.32 25.72
C GLU D 377 -5.55 14.54 25.40
N GLY D 378 -5.54 15.53 26.30
CA GLY D 378 -6.26 16.75 26.03
C GLY D 378 -5.75 17.48 24.81
N LEU D 379 -4.43 17.55 24.65
CA LEU D 379 -3.84 18.22 23.49
C LEU D 379 -4.17 17.50 22.20
N HIS D 380 -4.12 16.17 22.20
CA HIS D 380 -4.47 15.41 21.02
C HIS D 380 -5.96 15.55 20.67
N LEU D 381 -6.82 15.52 21.67
CA LEU D 381 -8.24 15.74 21.43
C LEU D 381 -8.49 17.13 20.86
N TYR D 382 -7.81 18.13 21.42
CA TYR D 382 -7.93 19.49 20.89
C TYR D 382 -7.47 19.55 19.45
N SER D 383 -6.35 18.89 19.14
CA SER D 383 -5.83 18.92 17.77
C SER D 383 -6.78 18.24 16.80
N MET D 384 -7.39 17.13 17.21
CA MET D 384 -8.20 16.35 16.29
C MET D 384 -9.67 16.78 16.23
N VAL D 385 -10.13 17.63 17.14
CA VAL D 385 -11.48 18.17 17.05
C VAL D 385 -11.52 19.68 16.87
N ILE D 386 -10.41 20.39 17.13
CA ILE D 386 -10.30 21.81 16.86
C ILE D 386 -9.06 22.03 16.01
N LYS D 387 -9.21 22.74 14.90
CA LYS D 387 -8.19 22.79 13.86
C LYS D 387 -7.84 21.36 13.44
N VAL D 388 -8.85 20.67 12.91
CA VAL D 388 -8.75 19.24 12.65
C VAL D 388 -7.68 18.94 11.62
N PHE D 389 -7.34 19.90 10.76
CA PHE D 389 -6.29 19.69 9.79
C PHE D 389 -4.92 19.72 10.45
N GLY D 390 -4.00 18.92 9.91
CA GLY D 390 -2.69 18.77 10.48
C GLY D 390 -2.63 17.83 11.66
N SER D 391 -3.74 17.20 12.03
CA SER D 391 -3.77 16.32 13.19
C SER D 391 -3.13 14.96 12.89
N GLU D 392 -3.22 14.49 11.64
CA GLU D 392 -2.64 13.21 11.28
C GLU D 392 -1.11 13.24 11.25
N ASP D 393 -0.51 14.42 11.35
CA ASP D 393 0.95 14.51 11.35
C ASP D 393 1.52 13.80 12.57
N SER D 394 2.69 13.18 12.39
CA SER D 394 3.31 12.44 13.47
C SER D 394 3.81 13.41 14.55
N LYS D 395 3.44 13.13 15.80
CA LYS D 395 3.89 13.92 16.94
C LYS D 395 4.25 13.02 18.11
N HIS D 396 4.74 11.81 17.83
CA HIS D 396 5.05 10.86 18.90
C HIS D 396 6.17 11.37 19.79
N ARG D 397 7.17 12.03 19.20
CA ARG D 397 8.30 12.52 19.99
C ARG D 397 7.84 13.54 21.02
N TYR D 398 6.99 14.48 20.61
CA TYR D 398 6.51 15.48 21.55
C TYR D 398 5.66 14.86 22.66
N TYR D 399 4.81 13.90 22.31
CA TYR D 399 3.97 13.26 23.32
C TYR D 399 4.81 12.48 24.33
N TYR D 400 5.82 11.75 23.84
CA TYR D 400 6.69 10.98 24.72
C TYR D 400 7.73 11.83 25.43
N GLY D 401 7.89 13.09 25.03
CA GLY D 401 8.72 14.00 25.79
C GLY D 401 7.92 14.75 26.83
N MET D 402 6.60 14.87 26.59
CA MET D 402 5.73 15.51 27.55
C MET D 402 5.32 14.55 28.65
N GLY D 403 5.02 13.31 28.32
CA GLY D 403 4.83 12.24 29.28
C GLY D 403 5.98 11.26 29.17
N TRP D 404 6.45 10.77 30.32
CA TRP D 404 7.75 10.09 30.40
C TRP D 404 8.85 11.05 29.92
N GLY D 405 9.03 12.11 30.70
CA GLY D 405 9.60 13.33 30.20
C GLY D 405 9.53 14.43 31.26
N PHE D 406 8.92 15.56 30.93
CA PHE D 406 8.73 16.69 31.83
C PHE D 406 8.39 16.26 33.27
N PRO D 407 7.60 15.20 33.49
CA PRO D 407 7.49 14.68 34.86
C PRO D 407 8.84 14.30 35.47
N LEU D 408 9.72 13.69 34.70
CA LEU D 408 11.04 13.34 35.22
C LEU D 408 11.84 14.58 35.58
N LEU D 409 11.79 15.60 34.73
CA LEU D 409 12.50 16.85 35.02
C LEU D 409 11.95 17.49 36.29
N ILE D 410 10.63 17.51 36.43
CA ILE D 410 10.03 18.12 37.62
C ILE D 410 10.39 17.32 38.86
N CYS D 411 10.49 15.99 38.73
CA CYS D 411 10.92 15.17 39.85
C CYS D 411 12.36 15.48 40.24
N ILE D 412 13.26 15.59 39.26
CA ILE D 412 14.66 15.80 39.59
C ILE D 412 14.87 17.19 40.19
N ILE D 413 14.13 18.21 39.73
CA ILE D 413 14.27 19.50 40.40
C ILE D 413 13.64 19.43 41.78
N SER D 414 12.54 18.70 41.93
CA SER D 414 11.91 18.50 43.23
C SER D 414 12.60 17.45 44.07
N LEU D 415 13.57 16.73 43.51
CA LEU D 415 14.37 15.81 44.30
C LEU D 415 15.62 16.48 44.87
N SER D 416 16.20 17.44 44.13
CA SER D 416 17.39 18.12 44.61
C SER D 416 17.06 19.24 45.57
N PHE D 417 16.02 20.01 45.26
CA PHE D 417 15.58 21.09 46.14
C PHE D 417 14.76 20.61 47.33
N ALA D 418 14.37 19.34 47.36
CA ALA D 418 13.58 18.81 48.47
C ALA D 418 13.88 17.33 48.60
N MET D 419 14.42 16.93 49.74
CA MET D 419 14.74 15.54 50.03
C MET D 419 14.08 15.07 51.32
N ASP D 420 14.09 15.91 52.37
CA ASP D 420 13.47 15.52 53.63
C ASP D 420 11.95 15.43 53.50
N SER D 421 11.35 16.22 52.61
CA SER D 421 9.91 16.14 52.41
C SER D 421 9.51 14.78 51.84
N TYR D 422 10.37 14.17 51.05
CA TYR D 422 10.01 12.91 50.42
C TYR D 422 9.96 11.79 51.45
N GLY D 423 8.90 10.97 51.37
CA GLY D 423 8.73 9.93 52.36
C GLY D 423 8.56 10.51 53.76
N THR D 424 9.29 9.94 54.71
CA THR D 424 9.24 10.32 56.12
C THR D 424 7.79 10.32 56.59
N SER D 425 7.46 11.19 57.55
CA SER D 425 6.12 11.28 58.11
C SER D 425 5.63 9.92 58.59
N ASN D 426 4.33 9.66 58.45
CA ASN D 426 3.75 8.37 58.79
C ASN D 426 3.50 7.50 57.57
N ASN D 427 3.59 8.05 56.36
CA ASN D 427 3.39 7.28 55.14
C ASN D 427 4.20 7.94 54.02
N CYS D 428 4.47 7.14 52.98
CA CYS D 428 5.31 7.58 51.87
C CYS D 428 4.51 8.36 50.83
N TRP D 429 3.90 9.45 51.29
CA TRP D 429 3.06 10.28 50.44
C TRP D 429 3.71 11.61 50.08
N LEU D 430 5.02 11.73 50.25
CA LEU D 430 5.79 12.93 49.90
C LEU D 430 5.21 14.15 50.63
N SER D 431 5.42 14.14 51.95
CA SER D 431 5.08 15.26 52.83
C SER D 431 3.63 15.71 52.61
N LEU D 432 2.71 14.80 52.92
CA LEU D 432 1.29 15.10 52.74
C LEU D 432 0.86 16.32 53.53
N ALA D 433 1.53 16.60 54.66
CA ALA D 433 1.16 17.74 55.48
C ALA D 433 1.33 19.05 54.72
N SER D 434 2.57 19.37 54.35
CA SER D 434 2.88 20.64 53.70
C SER D 434 4.30 20.55 53.15
N GLY D 435 4.86 21.69 52.76
CA GLY D 435 6.24 21.79 52.33
C GLY D 435 6.47 21.65 50.84
N ALA D 436 6.30 20.45 50.30
CA ALA D 436 6.64 20.19 48.91
C ALA D 436 5.58 19.37 48.19
N ILE D 437 4.36 19.29 48.73
CA ILE D 437 3.28 18.62 48.02
C ILE D 437 2.94 19.36 46.73
N TRP D 438 3.13 20.68 46.71
CA TRP D 438 2.86 21.47 45.52
C TRP D 438 3.84 21.17 44.40
N ALA D 439 4.92 20.44 44.68
CA ALA D 439 5.77 19.93 43.60
C ALA D 439 5.02 18.94 42.71
N PHE D 440 3.89 18.41 43.18
CA PHE D 440 3.03 17.56 42.38
C PHE D 440 1.65 18.15 42.14
N VAL D 441 1.12 18.90 43.10
CA VAL D 441 -0.20 19.49 42.94
C VAL D 441 -0.18 20.61 41.90
N ALA D 442 0.84 21.46 41.92
CA ALA D 442 0.89 22.57 40.98
C ALA D 442 0.94 22.11 39.53
N PRO D 443 1.80 21.16 39.14
CA PRO D 443 1.67 20.60 37.79
C PRO D 443 0.31 19.95 37.56
N ALA D 444 -0.21 19.25 38.56
CA ALA D 444 -1.52 18.63 38.43
C ALA D 444 -2.59 19.68 38.14
N LEU D 445 -2.61 20.76 38.90
CA LEU D 445 -3.58 21.82 38.69
C LEU D 445 -3.33 22.61 37.41
N PHE D 446 -2.30 22.25 36.63
CA PHE D 446 -2.12 22.83 35.31
C PHE D 446 -2.58 21.88 34.21
N VAL D 447 -2.94 20.65 34.56
CA VAL D 447 -3.53 19.69 33.64
C VAL D 447 -5.02 19.56 33.87
N ILE D 448 -5.52 20.01 35.01
CA ILE D 448 -6.94 19.91 35.35
C ILE D 448 -7.55 21.30 35.33
N VAL D 449 -6.82 22.27 34.78
CA VAL D 449 -7.36 23.59 34.53
C VAL D 449 -7.23 23.86 33.04
N VAL D 450 -6.44 23.04 32.36
CA VAL D 450 -6.30 23.09 30.91
C VAL D 450 -7.27 22.11 30.29
N ASN D 451 -7.22 20.86 30.72
CA ASN D 451 -8.05 19.81 30.14
C ASN D 451 -9.53 20.07 30.39
N ILE D 452 -9.85 20.90 31.38
CA ILE D 452 -11.21 21.38 31.55
C ILE D 452 -11.61 22.34 30.44
N GLY D 453 -10.78 23.35 30.17
CA GLY D 453 -11.07 24.27 29.09
C GLY D 453 -11.21 23.56 27.77
N ILE D 454 -10.24 22.69 27.44
CA ILE D 454 -10.36 21.87 26.25
C ILE D 454 -11.67 21.11 26.26
N LEU D 455 -12.00 20.48 27.40
CA LEU D 455 -13.27 19.79 27.52
C LEU D 455 -14.41 20.72 27.14
N ILE D 456 -14.45 21.90 27.75
CA ILE D 456 -15.50 22.86 27.43
C ILE D 456 -15.52 23.13 25.94
N ALA D 457 -14.34 23.42 25.37
CA ALA D 457 -14.25 23.66 23.94
C ALA D 457 -14.86 22.49 23.16
N VAL D 458 -14.39 21.28 23.46
CA VAL D 458 -14.93 20.12 22.77
C VAL D 458 -16.43 20.03 22.99
N THR D 459 -16.86 20.20 24.24
CA THR D 459 -18.29 20.19 24.53
C THR D 459 -19.02 21.18 23.64
N ARG D 460 -18.52 22.42 23.58
CA ARG D 460 -19.17 23.41 22.73
C ARG D 460 -19.30 22.90 21.31
N VAL D 461 -18.21 22.38 20.74
CA VAL D 461 -18.26 21.86 19.38
C VAL D 461 -19.35 20.80 19.28
N ILE D 462 -19.33 19.84 20.21
CA ILE D 462 -20.33 18.77 20.16
C ILE D 462 -21.73 19.36 20.28
N SER D 463 -21.89 20.32 21.19
CA SER D 463 -23.19 20.97 21.33
C SER D 463 -23.62 21.58 20.00
N GLN D 464 -22.70 22.29 19.34
CA GLN D 464 -23.04 22.86 18.04
C GLN D 464 -23.42 21.77 17.05
N ILE D 465 -22.66 20.68 17.05
CA ILE D 465 -23.00 19.56 16.17
C ILE D 465 -24.33 18.95 16.59
N SER D 466 -24.60 18.92 17.89
CA SER D 466 -25.89 18.43 18.35
C SER D 466 -27.01 19.41 18.00
N ALA D 467 -26.66 20.67 17.76
CA ALA D 467 -27.67 21.66 17.37
C ALA D 467 -28.23 21.37 15.98
N ASP D 468 -27.45 20.72 15.11
CA ASP D 468 -27.90 20.39 13.76
C ASP D 468 -28.65 19.06 13.76
N ASN D 469 -29.76 19.03 14.47
CA ASN D 469 -30.60 17.84 14.55
C ASN D 469 -32.07 18.23 14.68
N SER D 477 -32.40 15.29 21.75
CA SER D 477 -31.54 14.62 22.71
C SER D 477 -30.14 15.24 22.72
N ALA D 478 -30.10 16.57 22.65
CA ALA D 478 -28.82 17.27 22.65
C ALA D 478 -28.09 17.08 23.97
N PHE D 479 -28.80 17.09 25.10
CA PHE D 479 -28.16 16.90 26.39
C PHE D 479 -27.56 15.51 26.51
N LYS D 480 -28.24 14.50 25.98
CA LYS D 480 -27.75 13.13 26.09
C LYS D 480 -26.43 12.96 25.37
N LEU D 481 -26.30 13.53 24.17
CA LEU D 481 -25.03 13.44 23.45
C LEU D 481 -23.93 14.16 24.19
N THR D 482 -24.21 15.34 24.73
CA THR D 482 -23.21 16.06 25.50
C THR D 482 -22.87 15.35 26.80
N ALA D 483 -23.88 14.79 27.48
CA ALA D 483 -23.64 14.08 28.73
C ALA D 483 -22.76 12.85 28.49
N LYS D 484 -23.04 12.11 27.41
CA LYS D 484 -22.18 10.98 27.07
C LYS D 484 -20.78 11.44 26.73
N ALA D 485 -20.65 12.58 26.06
CA ALA D 485 -19.35 13.09 25.67
C ALA D 485 -18.50 13.42 26.90
N VAL D 486 -19.09 14.07 27.90
CA VAL D 486 -18.35 14.38 29.12
C VAL D 486 -17.95 13.10 29.84
N ALA D 487 -18.84 12.11 29.86
CA ALA D 487 -18.53 10.85 30.51
C ALA D 487 -17.37 10.13 29.81
N VAL D 488 -17.27 10.26 28.49
CA VAL D 488 -16.18 9.60 27.76
C VAL D 488 -14.85 10.28 28.07
N LEU D 489 -14.84 11.62 28.09
CA LEU D 489 -13.59 12.35 28.21
C LEU D 489 -13.09 12.45 29.65
N LEU D 490 -13.94 12.23 30.65
CA LEU D 490 -13.49 12.32 32.03
C LEU D 490 -12.37 11.33 32.36
N PRO D 491 -12.40 10.06 31.92
CA PRO D 491 -11.24 9.19 32.14
C PRO D 491 -9.95 9.74 31.57
N ILE D 492 -9.91 9.98 30.26
CA ILE D 492 -8.65 10.36 29.61
C ILE D 492 -8.25 11.77 30.01
N LEU D 493 -9.18 12.72 29.99
CA LEU D 493 -8.87 14.09 30.37
C LEU D 493 -9.00 14.21 31.87
N GLY D 494 -7.91 14.62 32.53
CA GLY D 494 -7.97 14.85 33.95
C GLY D 494 -9.02 15.89 34.28
N THR D 495 -10.17 15.43 34.76
CA THR D 495 -11.24 16.33 35.19
C THR D 495 -11.84 15.97 36.53
N SER D 496 -11.73 14.72 36.97
CA SER D 496 -12.23 14.31 38.28
C SER D 496 -11.22 14.55 39.39
N TRP D 497 -9.98 14.93 39.05
CA TRP D 497 -8.96 15.18 40.06
C TRP D 497 -8.95 16.63 40.51
N VAL D 498 -10.13 17.17 40.80
CA VAL D 498 -10.25 18.44 41.51
C VAL D 498 -11.05 18.31 42.79
N PHE D 499 -11.72 17.20 43.01
CA PHE D 499 -12.37 16.90 44.28
C PHE D 499 -11.41 16.18 45.21
N GLY D 500 -10.12 16.30 44.89
CA GLY D 500 -9.06 15.71 45.67
C GLY D 500 -8.03 16.75 46.06
N VAL D 501 -8.16 17.96 45.49
CA VAL D 501 -7.34 19.09 45.88
C VAL D 501 -7.93 19.66 47.17
N LEU D 502 -9.07 19.13 47.58
CA LEU D 502 -9.74 19.53 48.81
C LEU D 502 -9.08 18.95 50.05
N ALA D 503 -8.04 18.13 49.87
CA ALA D 503 -7.28 17.61 51.01
C ALA D 503 -5.82 17.51 50.56
N VAL D 504 -5.06 18.57 50.82
CA VAL D 504 -3.64 18.62 50.50
C VAL D 504 -2.88 19.11 51.72
N ASN D 505 -3.61 19.65 52.71
CA ASN D 505 -2.99 20.18 53.91
C ASN D 505 -3.63 19.57 55.15
N GLY D 506 -3.33 20.12 56.32
CA GLY D 506 -3.90 19.66 57.56
C GLY D 506 -5.41 19.78 57.59
N CYS D 507 -6.10 18.65 57.61
CA CYS D 507 -7.55 18.62 57.54
C CYS D 507 -8.03 17.30 58.15
N ALA D 508 -9.28 16.94 57.85
CA ALA D 508 -9.87 15.71 58.37
C ALA D 508 -9.16 14.47 57.85
N VAL D 509 -9.62 13.30 58.29
CA VAL D 509 -8.96 12.04 57.96
C VAL D 509 -9.46 11.52 56.62
N VAL D 510 -10.23 12.35 55.90
CA VAL D 510 -10.85 11.90 54.66
C VAL D 510 -9.83 11.97 53.53
N PHE D 511 -9.03 10.92 53.42
CA PHE D 511 -8.14 10.72 52.28
C PHE D 511 -8.50 9.42 51.59
N GLN D 512 -8.58 8.35 52.37
CA GLN D 512 -8.90 7.02 51.86
C GLN D 512 -10.27 6.99 51.22
N TYR D 513 -11.26 7.61 51.86
CA TYR D 513 -12.64 7.53 51.39
C TYR D 513 -12.98 8.75 50.53
N MET D 514 -12.29 8.83 49.39
CA MET D 514 -12.44 9.90 48.41
C MET D 514 -11.45 9.68 47.27
N PHE D 515 -10.17 9.66 47.62
CA PHE D 515 -9.13 9.40 46.63
C PHE D 515 -9.27 7.98 46.12
N ALA D 516 -9.87 7.09 46.91
CA ALA D 516 -10.21 5.76 46.44
C ALA D 516 -11.25 5.82 45.33
N THR D 517 -12.30 6.61 45.49
CA THR D 517 -13.27 6.77 44.43
C THR D 517 -12.63 7.36 43.18
N LEU D 518 -11.82 8.40 43.35
CA LEU D 518 -11.15 9.01 42.21
C LEU D 518 -10.25 8.02 41.48
N ASN D 519 -9.43 7.27 42.21
CA ASN D 519 -8.52 6.30 41.61
C ASN D 519 -9.25 5.12 40.98
N SER D 520 -10.35 4.69 41.57
CA SER D 520 -11.13 3.60 40.98
C SER D 520 -11.75 4.05 39.66
N LEU D 521 -12.39 5.22 39.65
CA LEU D 521 -12.94 5.73 38.40
C LEU D 521 -11.85 5.94 37.35
N GLN D 522 -10.70 6.49 37.75
CA GLN D 522 -9.59 6.61 36.82
C GLN D 522 -9.03 5.21 36.58
N GLY D 523 -9.55 4.56 35.56
CA GLY D 523 -9.19 3.20 35.23
C GLY D 523 -10.42 2.35 34.98
N LEU D 524 -11.44 2.47 35.83
CA LEU D 524 -12.69 1.79 35.50
C LEU D 524 -13.40 2.49 34.36
N PHE D 525 -13.46 3.83 34.40
CA PHE D 525 -13.99 4.57 33.27
C PHE D 525 -13.09 4.43 32.05
N ILE D 526 -11.76 4.39 32.24
CA ILE D 526 -10.87 4.19 31.11
C ILE D 526 -11.21 2.88 30.40
N PHE D 527 -11.31 1.79 31.15
CA PHE D 527 -11.73 0.53 30.55
C PHE D 527 -13.09 0.67 29.89
N LEU D 528 -14.13 0.97 30.66
CA LEU D 528 -15.52 0.94 30.20
C LEU D 528 -15.80 1.93 29.08
N PHE D 529 -14.94 2.91 28.84
CA PHE D 529 -15.21 3.91 27.82
C PHE D 529 -14.13 4.02 26.75
N HIS D 530 -13.06 3.22 26.81
CA HIS D 530 -12.06 3.24 25.76
C HIS D 530 -11.59 1.86 25.32
N CYS D 531 -11.94 0.80 26.04
CA CYS D 531 -11.77 -0.56 25.56
C CYS D 531 -13.11 -1.24 25.30
N LEU D 532 -14.01 -1.18 26.27
CA LEU D 532 -15.40 -1.55 26.08
C LEU D 532 -16.20 -0.31 25.69
N LEU D 533 -17.29 -0.53 24.95
CA LEU D 533 -18.19 0.55 24.54
C LEU D 533 -17.44 1.63 23.74
N ASN D 534 -16.51 1.20 22.88
CA ASN D 534 -15.75 2.11 22.04
C ASN D 534 -16.11 2.05 20.57
N SER D 535 -16.66 0.92 20.10
CA SER D 535 -17.14 0.73 18.74
C SER D 535 -15.98 0.65 17.75
N GLU D 536 -14.76 0.89 18.21
CA GLU D 536 -13.55 0.66 17.43
C GLU D 536 -12.75 -0.50 18.01
N VAL D 537 -12.52 -0.47 19.32
CA VAL D 537 -11.90 -1.60 19.99
C VAL D 537 -12.80 -2.82 19.89
N ARG D 538 -14.12 -2.61 20.01
CA ARG D 538 -15.06 -3.72 19.84
C ARG D 538 -15.00 -4.29 18.43
N ALA D 539 -14.93 -3.42 17.42
CA ALA D 539 -14.84 -3.89 16.03
C ALA D 539 -13.54 -4.67 15.80
N ALA D 540 -12.43 -4.16 16.33
CA ALA D 540 -11.16 -4.85 16.18
C ALA D 540 -11.18 -6.20 16.89
N PHE D 541 -11.80 -6.26 18.07
CA PHE D 541 -11.91 -7.52 18.79
C PHE D 541 -12.78 -8.51 18.02
N LYS D 542 -13.87 -8.04 17.42
CA LYS D 542 -14.70 -8.92 16.61
C LYS D 542 -13.92 -9.45 15.41
N HIS D 543 -13.14 -8.57 14.76
CA HIS D 543 -12.35 -9.01 13.61
C HIS D 543 -11.30 -10.03 14.03
N LYS D 544 -10.63 -9.81 15.16
CA LYS D 544 -9.63 -10.75 15.62
C LYS D 544 -10.26 -12.09 16.02
N THR D 545 -11.44 -12.03 16.64
CA THR D 545 -12.15 -13.27 16.98
C THR D 545 -12.52 -14.04 15.72
N LYS D 546 -13.01 -13.34 14.69
CA LYS D 546 -13.32 -14.00 13.43
C LYS D 546 -12.08 -14.61 12.80
N VAL D 547 -10.96 -13.88 12.84
CA VAL D 547 -9.72 -14.39 12.26
C VAL D 547 -9.27 -15.65 12.99
N TRP D 548 -9.33 -15.63 14.33
CA TRP D 548 -8.90 -16.78 15.10
C TRP D 548 -9.82 -17.98 14.89
N SER D 549 -11.13 -17.74 14.83
CA SER D 549 -12.07 -18.83 14.61
C SER D 549 -11.89 -19.45 13.23
N LEU D 550 -11.71 -18.62 12.21
CA LEU D 550 -11.48 -19.14 10.87
C LEU D 550 -10.17 -19.90 10.78
N THR D 551 -9.12 -19.36 11.40
CA THR D 551 -7.81 -20.00 11.39
C THR D 551 -7.71 -21.04 12.50
N VAL E 2 25.40 7.72 -19.95
CA VAL E 2 25.88 7.21 -18.68
C VAL E 2 27.40 7.20 -18.66
N GLN E 3 28.00 8.29 -18.19
CA GLN E 3 29.45 8.42 -18.16
C GLN E 3 29.90 9.05 -16.85
N LEU E 4 30.98 8.51 -16.31
CA LEU E 4 31.66 9.08 -15.15
C LEU E 4 33.01 9.61 -15.62
N VAL E 5 33.26 10.90 -15.38
CA VAL E 5 34.53 11.50 -15.72
C VAL E 5 35.22 11.93 -14.42
N GLU E 6 36.44 11.47 -14.24
CA GLU E 6 37.18 11.66 -13.00
C GLU E 6 38.36 12.61 -13.24
N SER E 7 38.50 13.59 -12.36
CA SER E 7 39.57 14.57 -12.45
C SER E 7 40.14 14.79 -11.05
N GLY E 8 41.15 15.65 -10.96
CA GLY E 8 41.78 15.95 -9.69
C GLY E 8 42.93 15.02 -9.38
N GLY E 9 43.82 14.83 -10.34
CA GLY E 9 44.98 13.99 -10.13
C GLY E 9 46.20 14.55 -10.86
N GLY E 10 47.36 14.10 -10.42
CA GLY E 10 48.61 14.58 -11.01
C GLY E 10 49.80 14.24 -10.15
N LEU E 11 50.81 15.10 -10.22
CA LEU E 11 52.05 14.91 -9.48
C LEU E 11 51.89 15.48 -8.08
N VAL E 12 52.14 14.64 -7.07
CA VAL E 12 51.98 15.02 -5.68
C VAL E 12 53.26 14.68 -4.92
N GLN E 13 53.69 15.61 -4.08
CA GLN E 13 54.78 15.31 -3.16
C GLN E 13 54.31 14.32 -2.10
N PRO E 14 55.20 13.45 -1.62
CA PRO E 14 54.81 12.51 -0.57
C PRO E 14 54.32 13.24 0.67
N GLY E 15 53.28 12.68 1.30
CA GLY E 15 52.67 13.27 2.46
C GLY E 15 51.63 14.34 2.17
N GLY E 16 51.42 14.67 0.90
CA GLY E 16 50.48 15.71 0.54
C GLY E 16 49.04 15.23 0.63
N SER E 17 48.13 16.15 0.30
CA SER E 17 46.70 15.89 0.33
C SER E 17 46.09 16.38 -0.98
N ARG E 18 45.22 15.57 -1.57
CA ARG E 18 44.57 15.94 -2.82
C ARG E 18 43.17 15.35 -2.86
N LYS E 19 42.24 16.10 -3.45
CA LYS E 19 40.86 15.67 -3.60
C LYS E 19 40.63 15.18 -5.02
N LEU E 20 40.17 13.95 -5.16
CA LEU E 20 39.86 13.36 -6.45
C LEU E 20 38.36 13.44 -6.67
N SER E 21 37.94 14.11 -7.74
CA SER E 21 36.53 14.29 -8.02
C SER E 21 36.11 13.35 -9.14
N CYS E 22 34.88 12.85 -9.05
CA CYS E 22 34.26 12.09 -10.12
C CYS E 22 32.87 12.63 -10.37
N SER E 23 32.66 13.22 -11.54
CA SER E 23 31.37 13.78 -11.91
C SER E 23 30.65 12.79 -12.82
N ALA E 24 29.42 12.45 -12.45
CA ALA E 24 28.59 11.52 -13.19
C ALA E 24 27.58 12.29 -14.06
N SER E 25 27.22 11.68 -15.18
CA SER E 25 26.24 12.29 -16.07
C SER E 25 25.59 11.18 -16.89
N GLY E 26 24.31 10.93 -16.64
CA GLY E 26 23.56 9.98 -17.43
C GLY E 26 22.83 8.92 -16.62
N PHE E 27 23.01 8.94 -15.31
CA PHE E 27 22.36 7.94 -14.47
C PHE E 27 22.06 8.54 -13.09
N ALA E 28 21.16 7.89 -12.38
CA ALA E 28 20.74 8.35 -11.06
C ALA E 28 21.89 8.15 -10.06
N PHE E 29 22.56 9.24 -9.70
CA PHE E 29 23.64 9.18 -8.73
C PHE E 29 23.14 8.73 -7.36
N SER E 30 21.98 9.24 -6.94
CA SER E 30 21.52 9.03 -5.58
C SER E 30 21.27 7.56 -5.28
N SER E 31 20.70 6.83 -6.24
CA SER E 31 20.33 5.43 -6.03
C SER E 31 21.49 4.48 -6.27
N PHE E 32 22.66 4.98 -6.64
CA PHE E 32 23.80 4.15 -6.99
C PHE E 32 24.91 4.29 -5.95
N GLY E 33 25.32 3.17 -5.38
CA GLY E 33 26.53 3.16 -4.59
C GLY E 33 27.74 3.33 -5.48
N MET E 34 28.81 3.90 -4.94
CA MET E 34 29.97 4.19 -5.76
C MET E 34 31.24 3.73 -5.06
N HIS E 35 32.11 3.05 -5.80
CA HIS E 35 33.36 2.54 -5.28
C HIS E 35 34.53 3.23 -5.96
N TRP E 36 35.61 3.39 -5.21
CA TRP E 36 36.90 3.79 -5.73
C TRP E 36 37.81 2.56 -5.73
N VAL E 37 38.30 2.20 -6.92
CA VAL E 37 39.17 1.05 -7.12
C VAL E 37 40.36 1.50 -7.94
N ARG E 38 41.55 1.35 -7.38
CA ARG E 38 42.77 1.83 -8.01
C ARG E 38 43.51 0.70 -8.71
N GLN E 39 44.50 1.07 -9.51
CA GLN E 39 45.32 0.10 -10.24
C GLN E 39 46.72 0.68 -10.36
N ALA E 40 47.66 0.14 -9.58
CA ALA E 40 49.03 0.61 -9.63
C ALA E 40 49.63 0.31 -11.01
N PRO E 41 50.59 1.13 -11.47
CA PRO E 41 51.16 0.91 -12.80
C PRO E 41 51.77 -0.48 -12.92
N GLU E 42 51.43 -1.16 -14.02
CA GLU E 42 51.89 -2.53 -14.28
C GLU E 42 51.53 -3.46 -13.12
N LYS E 43 50.37 -3.24 -12.53
CA LYS E 43 49.90 -4.05 -11.40
C LYS E 43 48.42 -4.36 -11.60
N GLY E 44 47.81 -4.96 -10.59
CA GLY E 44 46.42 -5.37 -10.65
C GLY E 44 45.47 -4.32 -10.11
N LEU E 45 44.27 -4.78 -9.78
CA LEU E 45 43.20 -3.90 -9.31
C LEU E 45 43.07 -4.02 -7.79
N GLU E 46 43.00 -2.89 -7.11
CA GLU E 46 42.85 -2.84 -5.67
C GLU E 46 41.71 -1.90 -5.31
N TRP E 47 40.76 -2.41 -4.51
CA TRP E 47 39.64 -1.60 -4.05
C TRP E 47 40.10 -0.62 -2.98
N VAL E 48 39.64 0.61 -3.09
CA VAL E 48 40.10 1.66 -2.17
C VAL E 48 38.99 2.10 -1.23
N ALA E 49 37.77 2.23 -1.74
CA ALA E 49 36.72 2.79 -0.89
C ALA E 49 35.35 2.49 -1.48
N TYR E 50 34.33 2.66 -0.65
CA TYR E 50 32.94 2.44 -1.05
C TYR E 50 32.04 3.37 -0.26
N ILE E 51 31.23 4.16 -0.98
CA ILE E 51 30.20 5.00 -0.39
C ILE E 51 28.85 4.50 -0.88
N SER E 52 28.00 4.09 0.05
CA SER E 52 26.72 3.48 -0.31
C SER E 52 25.72 4.54 -0.74
N SER E 53 24.61 4.06 -1.31
CA SER E 53 23.53 4.95 -1.71
C SER E 53 22.91 5.60 -0.48
N GLY E 54 23.04 6.92 -0.37
CA GLY E 54 22.60 7.64 0.80
C GLY E 54 23.67 7.88 1.84
N SER E 55 24.92 7.53 1.55
CA SER E 55 26.05 7.73 2.47
C SER E 55 25.84 7.03 3.80
N GLY E 56 25.12 5.91 3.80
CA GLY E 56 24.87 5.17 5.01
C GLY E 56 26.07 4.37 5.47
N THR E 57 26.49 3.40 4.66
CA THR E 57 27.66 2.58 4.96
C THR E 57 28.84 3.05 4.12
N ILE E 58 29.93 3.40 4.78
CA ILE E 58 31.16 3.82 4.14
C ILE E 58 32.25 2.83 4.53
N TYR E 59 32.87 2.20 3.54
CA TYR E 59 33.89 1.20 3.78
C TYR E 59 35.20 1.63 3.15
N TYR E 60 36.31 1.35 3.84
CA TYR E 60 37.64 1.67 3.34
C TYR E 60 38.51 0.43 3.35
N ALA E 61 39.48 0.40 2.44
CA ALA E 61 40.46 -0.67 2.43
C ALA E 61 41.37 -0.57 3.64
N ASP E 62 41.92 -1.71 4.04
CA ASP E 62 42.81 -1.74 5.19
C ASP E 62 44.09 -0.94 4.97
N THR E 63 44.50 -0.77 3.72
CA THR E 63 45.73 -0.05 3.39
C THR E 63 45.51 1.45 3.20
N VAL E 64 44.26 1.91 3.20
CA VAL E 64 43.95 3.31 2.97
C VAL E 64 43.05 3.84 4.08
N LYS E 65 42.78 3.00 5.07
CA LYS E 65 41.88 3.39 6.15
C LYS E 65 42.45 4.57 6.92
N GLY E 66 41.59 5.53 7.24
CA GLY E 66 42.01 6.73 7.95
C GLY E 66 42.65 7.79 7.09
N ARG E 67 43.62 7.39 6.26
CA ARG E 67 44.29 8.36 5.39
C ARG E 67 43.35 8.89 4.32
N PHE E 68 42.48 8.03 3.79
CA PHE E 68 41.56 8.40 2.73
C PHE E 68 40.15 8.49 3.27
N THR E 69 39.40 9.49 2.82
CA THR E 69 37.98 9.59 3.14
C THR E 69 37.19 9.73 1.85
N ILE E 70 35.96 9.23 1.85
CA ILE E 70 35.11 9.27 0.67
C ILE E 70 33.82 9.99 1.03
N SER E 71 33.25 10.68 0.05
CA SER E 71 32.01 11.41 0.25
C SER E 71 31.31 11.56 -1.09
N ARG E 72 30.03 11.92 -1.04
CA ARG E 72 29.26 12.10 -2.26
C ARG E 72 28.40 13.35 -2.14
N ASP E 73 28.07 13.92 -3.30
CA ASP E 73 27.17 15.07 -3.40
C ASP E 73 26.13 14.71 -4.46
N ASP E 74 24.99 14.21 -3.99
CA ASP E 74 23.89 13.88 -4.89
C ASP E 74 23.35 15.09 -5.64
N PRO E 75 23.07 16.23 -4.99
CA PRO E 75 22.65 17.40 -5.78
C PRO E 75 23.68 17.83 -6.81
N LYS E 76 24.96 17.70 -6.48
CA LYS E 76 26.02 18.01 -7.43
C LYS E 76 26.41 16.81 -8.29
N ASN E 77 25.90 15.63 -7.97
CA ASN E 77 26.18 14.41 -8.74
C ASN E 77 27.68 14.16 -8.86
N THR E 78 28.40 14.37 -7.76
CA THR E 78 29.86 14.25 -7.80
C THR E 78 30.36 13.54 -6.54
N LEU E 79 31.22 12.56 -6.73
CA LEU E 79 31.77 11.79 -5.62
C LEU E 79 33.22 12.16 -5.40
N PHE E 80 33.56 12.47 -4.16
CA PHE E 80 34.87 12.97 -3.76
C PHE E 80 35.64 11.90 -3.01
N LEU E 81 36.95 11.81 -3.27
CA LEU E 81 37.87 11.01 -2.49
C LEU E 81 38.97 11.96 -1.99
N GLN E 82 38.91 12.35 -0.72
CA GLN E 82 39.95 13.18 -0.14
C GLN E 82 41.09 12.31 0.35
N MET E 83 42.30 12.65 -0.05
CA MET E 83 43.48 11.84 0.21
C MET E 83 44.45 12.64 1.07
N THR E 84 44.76 12.11 2.26
CA THR E 84 45.66 12.74 3.20
C THR E 84 46.74 11.75 3.61
N SER E 85 47.90 12.26 4.00
CA SER E 85 49.06 11.47 4.39
C SER E 85 49.41 10.47 3.28
N LEU E 86 49.74 11.01 2.12
CA LEU E 86 50.00 10.21 0.94
C LEU E 86 51.32 9.45 1.08
N ARG E 87 51.40 8.31 0.41
CA ARG E 87 52.58 7.46 0.43
C ARG E 87 52.98 7.10 -1.00
N SER E 88 54.22 6.64 -1.15
CA SER E 88 54.72 6.21 -2.44
C SER E 88 54.07 4.92 -2.93
N GLU E 89 53.42 4.18 -2.04
CA GLU E 89 52.70 2.95 -2.41
C GLU E 89 51.23 3.24 -2.67
N ASP E 90 50.93 4.48 -3.08
CA ASP E 90 49.57 4.89 -3.40
C ASP E 90 49.48 5.49 -4.79
N THR E 91 50.49 5.30 -5.63
CA THR E 91 50.47 5.80 -6.99
C THR E 91 49.73 4.81 -7.89
N ALA E 92 48.69 5.30 -8.56
CA ALA E 92 47.84 4.43 -9.35
C ALA E 92 46.89 5.25 -10.22
N MET E 93 46.15 4.59 -11.09
CA MET E 93 45.07 5.20 -11.86
C MET E 93 43.77 4.92 -11.13
N TYR E 94 43.29 5.88 -10.35
CA TYR E 94 42.13 5.69 -9.50
C TYR E 94 40.86 5.67 -10.35
N TYR E 95 40.17 4.55 -10.32
CA TYR E 95 38.97 4.32 -11.12
C TYR E 95 37.75 4.44 -10.24
N CYS E 96 36.69 5.02 -10.78
CA CYS E 96 35.42 5.16 -10.09
C CYS E 96 34.38 4.27 -10.74
N VAL E 97 33.73 3.45 -9.93
CA VAL E 97 32.76 2.48 -10.44
C VAL E 97 31.42 2.73 -9.77
N ARG E 98 30.35 2.42 -10.51
CA ARG E 98 29.01 2.54 -9.99
C ARG E 98 28.42 1.14 -9.80
N SER E 99 27.82 0.92 -8.64
CA SER E 99 27.25 -0.38 -8.29
C SER E 99 25.94 -0.14 -7.55
N ILE E 100 24.86 -0.69 -8.07
CA ILE E 100 23.56 -0.66 -7.41
C ILE E 100 23.25 -2.07 -6.93
N TYR E 101 22.55 -2.18 -5.81
CA TYR E 101 22.36 -3.45 -5.14
C TYR E 101 20.88 -3.73 -4.92
N TYR E 102 20.36 -4.71 -5.64
CA TYR E 102 19.06 -5.31 -5.36
C TYR E 102 19.08 -6.71 -5.95
N TYR E 103 17.96 -7.41 -5.86
CA TYR E 103 17.89 -8.74 -6.44
C TYR E 103 17.91 -8.64 -7.97
N GLY E 104 18.84 -9.36 -8.59
CA GLY E 104 19.01 -9.27 -10.02
C GLY E 104 19.86 -8.10 -10.49
N SER E 105 20.45 -7.35 -9.57
CA SER E 105 21.25 -6.20 -9.93
C SER E 105 22.58 -6.65 -10.55
N SER E 106 23.29 -5.68 -11.12
CA SER E 106 24.58 -5.92 -11.76
C SER E 106 25.59 -4.93 -11.17
N PRO E 107 26.12 -5.22 -9.98
CA PRO E 107 27.08 -4.32 -9.37
C PRO E 107 28.35 -4.21 -10.18
N PHE E 108 29.04 -3.07 -10.04
CA PHE E 108 30.28 -2.78 -10.75
C PHE E 108 30.07 -2.77 -12.26
N ASP E 109 28.87 -2.37 -12.70
CA ASP E 109 28.54 -2.46 -14.12
C ASP E 109 29.34 -1.46 -14.94
N PHE E 110 29.45 -0.22 -14.47
CA PHE E 110 30.13 0.83 -15.21
C PHE E 110 31.32 1.35 -14.42
N TRP E 111 32.45 1.48 -15.11
CA TRP E 111 33.66 2.09 -14.61
C TRP E 111 33.86 3.44 -15.30
N GLY E 112 34.76 4.25 -14.77
CA GLY E 112 35.01 5.55 -15.35
C GLY E 112 36.19 5.53 -16.30
N GLN E 113 37.06 6.53 -16.20
CA GLN E 113 38.26 6.60 -17.02
C GLN E 113 39.55 6.65 -16.24
N GLY E 114 39.56 7.14 -15.01
CA GLY E 114 40.71 7.10 -14.14
C GLY E 114 41.44 8.44 -14.09
N THR E 115 42.18 8.60 -13.00
CA THR E 115 43.06 9.75 -12.81
C THR E 115 44.40 9.24 -12.34
N THR E 116 45.48 9.75 -12.94
CA THR E 116 46.82 9.39 -12.54
C THR E 116 47.23 10.20 -11.32
N LEU E 117 47.57 9.50 -10.24
CA LEU E 117 48.02 10.11 -8.99
C LEU E 117 49.45 9.63 -8.78
N THR E 118 50.42 10.38 -9.33
CA THR E 118 51.82 10.01 -9.25
C THR E 118 52.43 10.63 -8.00
N VAL E 119 52.98 9.79 -7.12
CA VAL E 119 53.62 10.24 -5.89
C VAL E 119 55.12 10.04 -6.02
N SER E 120 55.88 11.10 -5.75
CA SER E 120 57.34 11.04 -5.82
C SER E 120 57.91 10.31 -4.61
N SER E 137 40.35 -13.14 7.82
CA SER E 137 41.08 -12.07 7.12
C SER E 137 40.52 -11.85 5.72
N ASP E 138 41.30 -11.21 4.87
CA ASP E 138 40.87 -10.93 3.50
C ASP E 138 40.76 -12.22 2.71
N ILE E 139 39.82 -12.22 1.76
CA ILE E 139 39.61 -13.37 0.87
C ILE E 139 40.62 -13.24 -0.28
N VAL E 140 41.69 -14.03 -0.20
CA VAL E 140 42.75 -13.94 -1.20
C VAL E 140 42.28 -14.55 -2.51
N MET E 141 42.39 -13.78 -3.58
CA MET E 141 42.02 -14.24 -4.92
C MET E 141 43.30 -14.61 -5.66
N THR E 142 43.37 -15.86 -6.12
CA THR E 142 44.55 -16.39 -6.80
C THR E 142 44.19 -16.66 -8.25
N GLN E 143 44.98 -16.10 -9.16
CA GLN E 143 44.84 -16.34 -10.59
C GLN E 143 46.17 -16.95 -11.05
N ALA E 144 46.20 -18.29 -11.12
CA ALA E 144 47.45 -18.99 -11.41
C ALA E 144 48.00 -18.60 -12.77
N THR E 145 47.14 -18.51 -13.77
CA THR E 145 47.57 -18.15 -15.12
C THR E 145 47.80 -16.65 -15.19
N SER E 146 49.05 -16.22 -15.06
CA SER E 146 49.39 -14.81 -15.19
C SER E 146 49.51 -14.37 -16.65
N SER E 147 49.57 -15.31 -17.58
CA SER E 147 49.64 -15.00 -19.00
C SER E 147 49.24 -16.24 -19.79
N VAL E 148 48.44 -16.05 -20.83
CA VAL E 148 47.94 -17.15 -21.64
C VAL E 148 47.97 -16.74 -23.11
N PRO E 149 48.63 -17.50 -23.97
CA PRO E 149 48.60 -17.17 -25.40
C PRO E 149 47.19 -17.30 -25.96
N VAL E 150 46.84 -16.38 -26.85
CA VAL E 150 45.50 -16.30 -27.41
C VAL E 150 45.59 -16.30 -28.92
N THR E 151 44.82 -17.17 -29.57
CA THR E 151 44.70 -17.21 -31.01
C THR E 151 43.25 -16.95 -31.40
N PRO E 152 43.00 -16.02 -32.31
CA PRO E 152 41.60 -15.70 -32.66
C PRO E 152 40.88 -16.91 -33.22
N GLY E 153 39.60 -17.05 -32.83
CA GLY E 153 38.75 -18.13 -33.25
C GLY E 153 38.74 -19.32 -32.31
N GLU E 154 39.77 -19.46 -31.49
CA GLU E 154 39.85 -20.57 -30.55
C GLU E 154 39.04 -20.24 -29.30
N SER E 155 39.08 -21.16 -28.32
CA SER E 155 38.42 -20.98 -27.05
C SER E 155 39.46 -20.93 -25.94
N VAL E 156 39.18 -20.13 -24.90
CA VAL E 156 40.08 -19.97 -23.78
C VAL E 156 39.29 -20.10 -22.48
N SER E 157 39.99 -20.45 -21.41
CA SER E 157 39.35 -20.66 -20.11
C SER E 157 40.28 -20.09 -19.04
N ILE E 158 39.95 -18.91 -18.54
CA ILE E 158 40.69 -18.29 -17.45
C ILE E 158 40.23 -18.89 -16.13
N SER E 159 41.17 -19.12 -15.22
CA SER E 159 40.89 -19.76 -13.95
C SER E 159 41.16 -18.81 -12.79
N CYS E 160 40.33 -18.91 -11.76
CA CYS E 160 40.49 -18.12 -10.55
C CYS E 160 40.16 -19.00 -9.35
N ARG E 161 40.81 -18.71 -8.23
CA ARG E 161 40.65 -19.47 -7.00
C ARG E 161 40.37 -18.51 -5.85
N SER E 162 39.75 -19.04 -4.80
CA SER E 162 39.39 -18.27 -3.63
C SER E 162 40.04 -18.87 -2.39
N SER E 163 40.28 -18.01 -1.40
CA SER E 163 40.76 -18.47 -0.10
C SER E 163 39.65 -19.01 0.77
N LYS E 164 38.39 -18.71 0.44
CA LYS E 164 37.24 -19.23 1.17
C LYS E 164 36.07 -19.32 0.21
N SER E 165 35.12 -20.20 0.52
CA SER E 165 33.97 -20.40 -0.34
C SER E 165 33.17 -19.10 -0.47
N LEU E 166 32.81 -18.76 -1.71
CA LEU E 166 32.07 -17.55 -2.01
C LEU E 166 30.58 -17.82 -2.18
N LEU E 167 30.14 -19.03 -1.86
CA LEU E 167 28.74 -19.41 -1.99
C LEU E 167 28.04 -19.16 -0.65
N HIS E 168 27.32 -18.06 -0.56
CA HIS E 168 26.59 -17.73 0.66
C HIS E 168 25.34 -18.61 0.79
N SER E 169 24.66 -18.48 1.92
CA SER E 169 23.42 -19.22 2.14
C SER E 169 22.31 -18.77 1.19
N ASN E 170 22.45 -17.59 0.58
CA ASN E 170 21.49 -17.11 -0.40
C ASN E 170 21.53 -17.89 -1.70
N GLY E 171 22.53 -18.74 -1.89
CA GLY E 171 22.71 -19.44 -3.15
C GLY E 171 23.48 -18.67 -4.19
N ASN E 172 23.99 -17.48 -3.86
CA ASN E 172 24.73 -16.65 -4.79
C ASN E 172 26.22 -16.82 -4.57
N THR E 173 26.96 -17.06 -5.66
CA THR E 173 28.41 -17.18 -5.61
C THR E 173 28.98 -15.84 -6.08
N TYR E 174 29.32 -14.98 -5.13
CA TYR E 174 29.71 -13.60 -5.41
C TYR E 174 31.12 -13.58 -6.02
N LEU E 175 31.17 -13.83 -7.32
CA LEU E 175 32.38 -13.70 -8.10
C LEU E 175 32.12 -12.85 -9.33
N TYR E 176 33.02 -11.93 -9.61
CA TYR E 176 32.86 -10.97 -10.69
C TYR E 176 34.07 -11.06 -11.62
N TRP E 177 33.80 -11.23 -12.91
CA TRP E 177 34.82 -11.26 -13.94
C TRP E 177 34.79 -9.93 -14.69
N PHE E 178 35.91 -9.23 -14.68
CA PHE E 178 36.09 -7.95 -15.37
C PHE E 178 37.13 -8.12 -16.47
N LEU E 179 36.96 -7.33 -17.53
CA LEU E 179 37.91 -7.30 -18.64
C LEU E 179 38.44 -5.89 -18.79
N GLN E 180 39.76 -5.77 -18.91
CA GLN E 180 40.44 -4.49 -19.12
C GLN E 180 41.20 -4.58 -20.44
N ARG E 181 40.71 -3.87 -21.44
CA ARG E 181 41.41 -3.79 -22.72
C ARG E 181 42.63 -2.88 -22.59
N PRO E 182 43.62 -3.05 -23.47
CA PRO E 182 44.80 -2.19 -23.43
C PRO E 182 44.43 -0.72 -23.60
N GLY E 183 44.70 0.07 -22.56
CA GLY E 183 44.42 1.48 -22.60
C GLY E 183 43.00 1.89 -22.28
N GLN E 184 42.18 0.96 -21.78
CA GLN E 184 40.79 1.25 -21.46
C GLN E 184 40.47 0.78 -20.05
N SER E 185 39.45 1.40 -19.46
CA SER E 185 39.04 1.05 -18.12
C SER E 185 38.39 -0.33 -18.09
N PRO E 186 38.43 -1.00 -16.95
CA PRO E 186 37.80 -2.34 -16.87
C PRO E 186 36.31 -2.27 -17.13
N GLN E 187 35.80 -3.31 -17.78
CA GLN E 187 34.39 -3.43 -18.11
C GLN E 187 33.86 -4.73 -17.51
N LEU E 188 32.70 -4.64 -16.86
CA LEU E 188 32.11 -5.82 -16.23
C LEU E 188 31.72 -6.84 -17.28
N LEU E 189 32.09 -8.10 -17.03
CA LEU E 189 31.75 -9.20 -17.92
C LEU E 189 30.80 -10.19 -17.29
N ILE E 190 31.09 -10.65 -16.07
CA ILE E 190 30.27 -11.63 -15.38
C ILE E 190 30.07 -11.20 -13.94
N TYR E 191 28.86 -11.33 -13.43
CA TYR E 191 28.58 -11.07 -12.02
C TYR E 191 27.88 -12.27 -11.40
N ARG E 192 28.22 -12.56 -10.14
CA ARG E 192 27.67 -13.70 -9.40
C ARG E 192 27.98 -15.03 -10.07
N MET E 193 29.10 -15.07 -10.81
CA MET E 193 29.76 -16.28 -11.29
C MET E 193 29.01 -16.97 -12.43
N SER E 194 27.75 -16.60 -12.66
CA SER E 194 27.10 -16.95 -13.92
C SER E 194 26.00 -15.91 -14.17
N ASN E 195 26.38 -14.82 -14.84
CA ASN E 195 25.44 -13.81 -15.29
C ASN E 195 26.12 -12.88 -16.28
N LEU E 196 25.66 -12.85 -17.52
CA LEU E 196 26.29 -12.01 -18.52
C LEU E 196 25.82 -10.57 -18.34
N ALA E 197 26.78 -9.65 -18.24
CA ALA E 197 26.46 -8.24 -18.05
C ALA E 197 25.88 -7.66 -19.34
N SER E 198 25.19 -6.53 -19.19
CA SER E 198 24.55 -5.89 -20.34
C SER E 198 25.60 -5.41 -21.34
N GLY E 199 25.37 -5.72 -22.61
CA GLY E 199 26.26 -5.30 -23.67
C GLY E 199 27.43 -6.24 -23.92
N VAL E 200 27.58 -7.29 -23.13
CA VAL E 200 28.69 -8.23 -23.28
C VAL E 200 28.26 -9.33 -24.24
N PRO E 201 29.12 -9.72 -25.20
CA PRO E 201 28.73 -10.76 -26.16
C PRO E 201 28.41 -12.08 -25.48
N ASP E 202 27.53 -12.85 -26.11
CA ASP E 202 27.04 -14.11 -25.55
C ASP E 202 28.11 -15.19 -25.49
N ARG E 203 29.26 -14.98 -26.13
CA ARG E 203 30.31 -16.00 -26.12
C ARG E 203 30.86 -16.21 -24.71
N PHE E 204 30.99 -15.15 -23.93
CA PHE E 204 31.52 -15.26 -22.58
C PHE E 204 30.58 -16.09 -21.70
N SER E 205 31.17 -16.88 -20.81
CA SER E 205 30.39 -17.63 -19.83
C SER E 205 31.23 -17.83 -18.58
N GLY E 206 30.56 -18.09 -17.47
CA GLY E 206 31.23 -18.33 -16.22
C GLY E 206 30.66 -19.55 -15.54
N SER E 207 31.54 -20.27 -14.83
CA SER E 207 31.14 -21.48 -14.14
C SER E 207 32.08 -21.72 -12.98
N GLY E 208 31.69 -22.64 -12.10
CA GLY E 208 32.53 -23.04 -11.00
C GLY E 208 31.71 -23.20 -9.74
N SER E 209 32.43 -23.41 -8.64
CA SER E 209 31.82 -23.56 -7.32
C SER E 209 32.74 -22.92 -6.31
N GLY E 210 32.48 -23.19 -5.03
CA GLY E 210 33.29 -22.63 -3.97
C GLY E 210 34.77 -22.84 -4.16
N THR E 211 35.54 -21.75 -4.12
CA THR E 211 36.99 -21.75 -4.29
C THR E 211 37.42 -22.36 -5.62
N ALA E 212 36.63 -22.16 -6.67
CA ALA E 212 37.05 -22.59 -8.01
C ALA E 212 36.15 -21.90 -9.03
N PHE E 213 36.76 -21.18 -9.98
CA PHE E 213 35.98 -20.46 -10.98
C PHE E 213 36.69 -20.49 -12.32
N THR E 214 35.92 -20.69 -13.39
CA THR E 214 36.43 -20.67 -14.75
C THR E 214 35.56 -19.77 -15.60
N LEU E 215 36.19 -18.82 -16.30
CA LEU E 215 35.53 -18.01 -17.30
C LEU E 215 35.94 -18.49 -18.68
N THR E 216 34.95 -18.90 -19.47
CA THR E 216 35.19 -19.51 -20.78
C THR E 216 34.79 -18.51 -21.86
N ILE E 217 35.72 -18.23 -22.77
CA ILE E 217 35.47 -17.41 -23.94
C ILE E 217 35.53 -18.31 -25.16
N SER E 218 34.41 -18.44 -25.85
CA SER E 218 34.32 -19.25 -27.06
C SER E 218 34.36 -18.35 -28.29
N ARG E 219 35.02 -18.84 -29.34
CA ARG E 219 35.24 -18.07 -30.56
C ARG E 219 35.89 -16.72 -30.24
N LEU E 220 37.08 -16.81 -29.66
CA LEU E 220 37.82 -15.62 -29.26
C LEU E 220 38.07 -14.72 -30.47
N GLU E 221 37.84 -13.42 -30.29
CA GLU E 221 37.89 -12.45 -31.37
C GLU E 221 38.89 -11.35 -31.04
N ALA E 222 39.07 -10.44 -31.99
CA ALA E 222 39.83 -9.23 -31.73
C ALA E 222 39.03 -8.31 -30.80
N GLU E 223 39.69 -7.26 -30.31
CA GLU E 223 39.14 -6.36 -29.31
C GLU E 223 38.69 -7.10 -28.05
N ASP E 224 39.25 -8.29 -27.85
CA ASP E 224 38.95 -9.12 -26.70
C ASP E 224 40.18 -9.41 -25.85
N VAL E 225 41.39 -9.17 -26.38
CA VAL E 225 42.60 -9.35 -25.60
C VAL E 225 42.65 -8.32 -24.48
N GLY E 226 43.48 -8.61 -23.49
CA GLY E 226 43.60 -7.74 -22.34
C GLY E 226 43.70 -8.54 -21.07
N VAL E 227 43.46 -7.88 -19.94
CA VAL E 227 43.64 -8.48 -18.63
C VAL E 227 42.28 -8.79 -18.02
N TYR E 228 42.10 -10.04 -17.61
CA TYR E 228 40.87 -10.48 -16.97
C TYR E 228 41.09 -10.59 -15.47
N TYR E 229 40.16 -10.04 -14.70
CA TYR E 229 40.26 -9.96 -13.25
C TYR E 229 39.08 -10.65 -12.60
N CYS E 230 39.34 -11.36 -11.51
CA CYS E 230 38.30 -12.01 -10.72
C CYS E 230 38.24 -11.33 -9.36
N MET E 231 37.03 -10.97 -8.94
CA MET E 231 36.80 -10.19 -7.74
C MET E 231 35.74 -10.87 -6.88
N GLN E 232 35.89 -10.76 -5.57
CA GLN E 232 34.92 -11.30 -4.64
C GLN E 232 34.05 -10.17 -4.07
N HIS E 233 32.78 -10.47 -3.83
CA HIS E 233 31.87 -9.51 -3.21
C HIS E 233 31.14 -10.13 -2.02
N LEU E 234 31.62 -11.27 -1.53
CA LEU E 234 30.98 -11.91 -0.37
C LEU E 234 31.09 -11.05 0.87
N GLU E 235 32.25 -10.46 1.11
CA GLU E 235 32.46 -9.64 2.30
C GLU E 235 33.60 -8.66 2.03
N TYR E 236 33.46 -7.45 2.56
CA TYR E 236 34.51 -6.46 2.42
C TYR E 236 35.72 -6.86 3.27
N PRO E 237 36.93 -6.49 2.84
CA PRO E 237 37.28 -5.70 1.64
C PRO E 237 37.19 -6.50 0.35
N LEU E 238 36.86 -5.85 -0.76
CA LEU E 238 36.80 -6.51 -2.05
C LEU E 238 38.21 -6.71 -2.57
N THR E 239 38.59 -7.96 -2.82
CA THR E 239 39.92 -8.31 -3.29
C THR E 239 39.83 -8.84 -4.70
N PHE E 240 40.60 -8.24 -5.60
CA PHE E 240 40.66 -8.68 -6.98
C PHE E 240 41.76 -9.74 -7.12
N GLY E 241 41.94 -10.24 -8.35
CA GLY E 241 43.00 -11.15 -8.66
C GLY E 241 44.20 -10.43 -9.26
N ALA E 242 45.26 -11.22 -9.50
CA ALA E 242 46.46 -10.67 -10.11
C ALA E 242 46.17 -10.18 -11.53
N GLY E 243 45.38 -10.93 -12.28
CA GLY E 243 45.05 -10.55 -13.64
C GLY E 243 45.66 -11.48 -14.67
N THR E 244 44.81 -12.14 -15.46
CA THR E 244 45.26 -13.06 -16.50
C THR E 244 45.30 -12.32 -17.83
N LYS E 245 46.46 -12.29 -18.45
CA LYS E 245 46.66 -11.52 -19.68
C LYS E 245 46.47 -12.43 -20.89
N LEU E 246 45.54 -12.05 -21.76
CA LEU E 246 45.34 -12.71 -23.04
C LEU E 246 45.90 -11.79 -24.13
N GLU E 247 46.82 -12.33 -24.92
CA GLU E 247 47.46 -11.57 -25.99
C GLU E 247 47.57 -12.44 -27.23
N LEU E 248 47.52 -11.79 -28.38
CA LEU E 248 47.59 -12.49 -29.66
C LEU E 248 49.03 -12.94 -29.96
C10 YNH F . -3.44 11.82 43.65
N12 YNH F . -3.07 10.85 46.01
C15 YNH F . -4.17 9.15 47.32
C17 YNH F . -3.00 7.70 48.95
C20 YNH F . -5.42 7.30 48.72
C26 YNH F . 0.82 10.93 45.50
C28 YNH F . 0.55 12.26 47.17
C01 YNH F . -3.54 15.39 44.87
C02 YNH F . -3.59 14.18 43.95
C03 YNH F . -4.12 14.28 42.75
C04 YNH F . -4.69 15.62 42.30
C05 YNH F . -4.64 16.67 43.09
C06 YNH F . -4.03 16.54 44.48
C07 YNH F . -2.93 15.25 46.25
C08 YNH F . -5.22 17.99 42.63
C11 YNH F . -3.46 10.62 44.63
C14 YNH F . -3.06 9.78 47.01
C16 YNH F . -4.13 8.03 48.37
C18 YNH F . -1.71 8.44 48.58
C19 YNH F . -1.74 9.39 47.69
C23 YNH F . -6.21 5.33 47.69
C25 YNH F . 0.24 9.69 46.18
C29 YNH F . -0.09 11.24 48.11
C30 YNH F . 2.04 12.67 45.69
C31 YNH F . 3.33 12.13 45.10
N24 YNH F . -0.53 10.11 47.33
N27 YNH F . 1.43 11.72 46.35
O09 YNH F . -3.05 12.95 44.39
O13 YNH F . -3.78 9.54 44.25
O21 YNH F . -5.75 7.20 49.85
O22 YNH F . -6.21 6.73 47.72
#